data_7QXO
#
_entry.id   7QXO
#
_cell.length_a   79.868
_cell.length_b   79.868
_cell.length_c   349.449
_cell.angle_alpha   90.000
_cell.angle_beta   90.000
_cell.angle_gamma   90.000
#
_symmetry.space_group_name_H-M   'P 41 21 2'
#
loop_
_entity.id
_entity.type
_entity.pdbx_description
1 polymer 'BNR/Asp-box repeat protein'
2 non-polymer '(2~{R},4~{S},5~{S},6~{S})-5-acetamido-4-oxidanyl-6-[(1~{R},2~{R})-1,2,3-tris(oxidanyl)propyl]-2-[[(2~{R},3~{R},4~{S},5~{R},6~{S})-3,4,5-tris(oxidanyl)-6-[(2~{R},3~{S},4~{R},5~{R})-1,2,4,5-tetrakis(oxidanyl)-6-oxidanylidene-hexan-3-yl]oxy-oxan-2-yl]methoxy]oxane-2-carboxylic acid'
3 water water
#
_entity_poly.entity_id   1
_entity_poly.type   'polypeptide(L)'
_entity_poly.pdbx_seq_one_letter_code
;DSVYVQNPQIPILVDRTDNVLFRIRIPDATKGDVLNRLTIRFGNEDKLSEVKAVRLFYAGTEAATKGRSRFAPVTYVSSH
NIRNTRSANPSYSIRQDEVTTVANTLTLKTRQPMVKGINYFWVSVEMDRNTSLLSKLTSTVTEVVINDKPAVIAGEQAAV
RRMGIGVRHAGDDGSASFRIPGLVTTNKGTLLGVYDVRYNNSVALQEHIDVGLSRSTDKGQTWEPMRIAMSFGETDGLPS
GQNGVGDPSILVDERTNTVWVVAAWTHGMGNARAWTNSMPGMTPDETAQLMMVKSTDDGRTWSESTNITSQVKDPSWCFL
LQGPGRGITMRDGTLVFPIQFIDSLRVPHAGIMYSKDRGETWHIHQPARTNTTEAQVAEVEPGVLMLNMRDNRGGSRAVS
ITRDLGKSWTEHSSNRSALPESICMASLISVKAKDNIIGKDLLLFSNPNTTEGRHHITIKASLDGGVTWLPAHQVLLDEE
DGWGYSCLSMIDRETVGIFYESSVAHMTFQAVKIKDLIR
;
_entity_poly.pdbx_strand_id   A,B
#
# COMPACT_ATOMS: atom_id res chain seq x y z
N ASP A 1 -22.71 -34.69 0.28
CA ASP A 1 -22.68 -33.36 0.95
C ASP A 1 -23.26 -32.29 0.00
N SER A 2 -23.32 -31.02 0.46
CA SER A 2 -24.00 -29.89 -0.23
C SER A 2 -22.98 -28.84 -0.70
N VAL A 3 -23.10 -28.34 -1.93
CA VAL A 3 -22.16 -27.38 -2.58
C VAL A 3 -22.87 -26.04 -2.82
N TYR A 4 -22.18 -24.91 -2.61
CA TYR A 4 -22.73 -23.54 -2.74
C TYR A 4 -22.03 -22.81 -3.89
N VAL A 5 -22.82 -22.13 -4.72
CA VAL A 5 -22.37 -21.41 -5.95
C VAL A 5 -22.82 -19.95 -5.88
N GLN A 6 -21.92 -19.05 -6.21
CA GLN A 6 -22.20 -17.60 -6.37
C GLN A 6 -21.90 -17.25 -7.83
N ASN A 7 -22.83 -16.55 -8.49
CA ASN A 7 -22.62 -15.87 -9.79
C ASN A 7 -22.58 -14.36 -9.51
N PRO A 8 -21.39 -13.79 -9.21
CA PRO A 8 -21.30 -12.39 -8.77
C PRO A 8 -21.63 -11.38 -9.87
N GLN A 9 -22.59 -10.48 -9.60
CA GLN A 9 -22.99 -9.40 -10.55
C GLN A 9 -21.87 -8.36 -10.57
N ILE A 10 -20.76 -8.69 -11.21
CA ILE A 10 -19.61 -7.77 -11.45
C ILE A 10 -19.32 -7.81 -12.95
N PRO A 11 -18.75 -6.72 -13.50
CA PRO A 11 -18.42 -6.67 -14.92
C PRO A 11 -17.37 -7.72 -15.32
N ILE A 12 -17.65 -8.40 -16.43
CA ILE A 12 -16.67 -9.23 -17.18
C ILE A 12 -15.90 -8.31 -18.13
N LEU A 13 -14.63 -8.03 -17.85
CA LEU A 13 -13.80 -7.08 -18.64
C LEU A 13 -13.29 -7.80 -19.90
N VAL A 14 -13.48 -7.18 -21.08
CA VAL A 14 -13.08 -7.75 -22.40
C VAL A 14 -11.55 -7.74 -22.51
N ASP A 15 -10.86 -6.90 -21.74
CA ASP A 15 -9.39 -6.69 -21.81
C ASP A 15 -8.68 -7.50 -20.72
N ARG A 16 -9.40 -8.25 -19.87
CA ARG A 16 -8.77 -9.05 -18.79
C ARG A 16 -8.45 -10.46 -19.31
N THR A 17 -7.41 -11.07 -18.72
CA THR A 17 -7.08 -12.51 -18.88
C THR A 17 -8.06 -13.35 -18.04
N ASP A 18 -8.36 -12.92 -16.81
CA ASP A 18 -9.27 -13.63 -15.87
C ASP A 18 -10.40 -12.72 -15.39
N ASN A 19 -11.61 -13.28 -15.29
CA ASN A 19 -12.82 -12.67 -14.69
C ASN A 19 -13.54 -13.78 -13.91
N VAL A 20 -14.01 -13.47 -12.70
CA VAL A 20 -14.76 -14.43 -11.84
C VAL A 20 -16.15 -14.62 -12.46
N LEU A 21 -16.43 -15.80 -13.04
CA LEU A 21 -17.79 -16.14 -13.53
C LEU A 21 -18.59 -16.74 -12.36
N PHE A 22 -18.00 -17.72 -11.68
CA PHE A 22 -18.61 -18.44 -10.53
C PHE A 22 -17.58 -18.57 -9.41
N ARG A 23 -18.04 -18.40 -8.18
CA ARG A 23 -17.28 -18.80 -6.97
C ARG A 23 -18.03 -19.97 -6.35
N ILE A 24 -17.30 -20.98 -5.89
CA ILE A 24 -17.94 -22.18 -5.28
C ILE A 24 -17.27 -22.47 -3.93
N ARG A 25 -18.11 -22.74 -2.92
CA ARG A 25 -17.69 -23.18 -1.57
C ARG A 25 -18.17 -24.62 -1.38
N ILE A 26 -17.22 -25.52 -1.09
CA ILE A 26 -17.50 -26.90 -0.59
C ILE A 26 -17.27 -26.85 0.92
N PRO A 27 -18.33 -26.72 1.74
CA PRO A 27 -18.18 -26.39 3.15
C PRO A 27 -17.68 -27.54 4.05
N ASP A 28 -18.02 -28.80 3.73
CA ASP A 28 -17.88 -29.95 4.67
C ASP A 28 -17.18 -31.13 4.00
N ALA A 29 -16.05 -30.88 3.33
CA ALA A 29 -15.21 -31.91 2.66
C ALA A 29 -14.58 -32.84 3.69
N THR A 30 -14.47 -34.12 3.33
CA THR A 30 -13.57 -35.11 3.99
C THR A 30 -12.21 -35.05 3.29
N LYS A 31 -11.12 -35.15 4.05
CA LYS A 31 -9.74 -35.12 3.48
C LYS A 31 -9.64 -36.16 2.36
N GLY A 32 -9.25 -35.75 1.15
CA GLY A 32 -9.08 -36.63 -0.01
C GLY A 32 -10.21 -36.51 -1.04
N ASP A 33 -11.35 -35.89 -0.67
CA ASP A 33 -12.49 -35.65 -1.59
C ASP A 33 -11.98 -34.94 -2.85
N VAL A 34 -12.48 -35.33 -4.02
CA VAL A 34 -12.03 -34.77 -5.33
C VAL A 34 -13.27 -34.35 -6.12
N LEU A 35 -13.23 -33.10 -6.57
CA LEU A 35 -14.15 -32.50 -7.57
C LEU A 35 -13.75 -33.03 -8.94
N ASN A 36 -14.35 -34.15 -9.35
CA ASN A 36 -14.00 -34.85 -10.63
C ASN A 36 -14.40 -33.97 -11.81
N ARG A 37 -15.61 -33.40 -11.76
CA ARG A 37 -16.27 -32.69 -12.89
C ARG A 37 -17.24 -31.64 -12.36
N LEU A 38 -17.27 -30.48 -13.02
CA LEU A 38 -18.28 -29.41 -12.84
C LEU A 38 -18.83 -29.12 -14.24
N THR A 39 -20.16 -29.06 -14.42
CA THR A 39 -20.79 -28.70 -15.72
C THR A 39 -21.43 -27.31 -15.61
N ILE A 40 -21.12 -26.43 -16.56
CA ILE A 40 -21.82 -25.11 -16.72
C ILE A 40 -22.64 -25.17 -18.01
N ARG A 41 -23.86 -24.60 -17.97
CA ARG A 41 -24.75 -24.41 -19.15
C ARG A 41 -24.94 -22.91 -19.38
N PHE A 42 -24.79 -22.47 -20.64
CA PHE A 42 -25.04 -21.09 -21.10
C PHE A 42 -26.41 -21.02 -21.80
N GLY A 43 -27.09 -19.88 -21.75
CA GLY A 43 -28.40 -19.64 -22.39
C GLY A 43 -28.35 -19.83 -23.91
N ASN A 44 -29.44 -20.27 -24.54
CA ASN A 44 -29.48 -20.68 -25.97
C ASN A 44 -29.00 -19.53 -26.87
N GLU A 45 -29.25 -18.28 -26.50
CA GLU A 45 -29.00 -17.11 -27.37
C GLU A 45 -27.68 -16.40 -27.01
N ASP A 46 -26.91 -16.94 -26.05
CA ASP A 46 -25.57 -16.39 -25.68
C ASP A 46 -24.61 -16.53 -26.87
N LYS A 47 -23.74 -15.52 -27.07
CA LYS A 47 -22.74 -15.49 -28.16
C LYS A 47 -21.43 -16.12 -27.68
N LEU A 48 -21.39 -17.45 -27.62
CA LEU A 48 -20.27 -18.22 -27.02
C LEU A 48 -19.04 -18.18 -27.95
N SER A 49 -19.18 -17.74 -29.21
CA SER A 49 -18.03 -17.52 -30.12
C SER A 49 -17.17 -16.34 -29.61
N GLU A 50 -17.70 -15.47 -28.74
CA GLU A 50 -16.95 -14.34 -28.11
C GLU A 50 -16.15 -14.80 -26.89
N VAL A 51 -16.45 -16.00 -26.35
CA VAL A 51 -15.73 -16.58 -25.17
C VAL A 51 -14.45 -17.26 -25.67
N LYS A 52 -13.30 -16.71 -25.29
CA LYS A 52 -11.95 -17.21 -25.68
C LYS A 52 -11.63 -18.49 -24.88
N ALA A 53 -11.84 -18.48 -23.56
CA ALA A 53 -11.51 -19.63 -22.69
C ALA A 53 -12.25 -19.56 -21.35
N VAL A 54 -12.55 -20.73 -20.78
CA VAL A 54 -13.08 -20.93 -19.39
C VAL A 54 -12.08 -21.77 -18.61
N ARG A 55 -11.86 -21.43 -17.34
CA ARG A 55 -10.85 -22.06 -16.44
C ARG A 55 -11.51 -22.44 -15.11
N LEU A 56 -11.10 -23.57 -14.54
CA LEU A 56 -11.40 -23.95 -13.15
C LEU A 56 -10.12 -23.79 -12.33
N PHE A 57 -10.20 -23.01 -11.24
CA PHE A 57 -9.09 -22.77 -10.28
C PHE A 57 -9.43 -23.38 -8.92
N TYR A 58 -8.40 -23.83 -8.19
CA TYR A 58 -8.46 -24.19 -6.75
C TYR A 58 -7.75 -23.09 -5.96
N ALA A 59 -8.36 -22.61 -4.87
CA ALA A 59 -7.80 -21.56 -3.99
C ALA A 59 -7.66 -22.06 -2.54
N GLY A 60 -7.67 -23.38 -2.31
CA GLY A 60 -7.44 -23.98 -0.99
C GLY A 60 -8.64 -23.83 -0.05
N THR A 61 -8.38 -23.40 1.20
CA THR A 61 -9.34 -23.48 2.33
C THR A 61 -9.53 -22.09 2.95
N GLU A 62 -10.19 -22.04 4.10
CA GLU A 62 -10.52 -20.79 4.84
C GLU A 62 -9.78 -20.80 6.17
N ALA A 63 -9.53 -19.61 6.73
CA ALA A 63 -9.03 -19.44 8.11
C ALA A 63 -10.12 -19.87 9.10
N ALA A 64 -9.72 -20.46 10.22
CA ALA A 64 -10.61 -21.02 11.28
C ALA A 64 -11.56 -19.96 11.84
N THR A 65 -11.19 -18.67 11.90
CA THR A 65 -11.99 -17.63 12.60
C THR A 65 -12.89 -16.86 11.63
N LYS A 66 -12.93 -17.23 10.35
CA LYS A 66 -13.65 -16.40 9.32
C LYS A 66 -15.01 -17.00 8.95
N GLY A 67 -15.47 -18.05 9.64
CA GLY A 67 -16.84 -18.60 9.44
C GLY A 67 -17.01 -19.25 8.08
N ARG A 68 -18.22 -19.71 7.78
CA ARG A 68 -18.46 -20.71 6.70
C ARG A 68 -19.31 -20.13 5.56
N SER A 69 -19.45 -18.80 5.44
CA SER A 69 -20.41 -18.16 4.51
C SER A 69 -19.71 -17.35 3.42
N ARG A 70 -18.39 -17.33 3.39
CA ARG A 70 -17.61 -16.59 2.37
C ARG A 70 -17.54 -17.46 1.11
N PHE A 71 -17.27 -16.86 -0.04
CA PHE A 71 -17.17 -17.61 -1.34
C PHE A 71 -15.72 -17.63 -1.79
N ALA A 72 -14.79 -17.13 -0.96
CA ALA A 72 -13.34 -17.01 -1.27
C ALA A 72 -12.55 -16.61 -0.02
N PRO A 73 -11.27 -17.01 0.10
CA PRO A 73 -10.41 -16.56 1.19
C PRO A 73 -9.73 -15.19 0.94
N VAL A 74 -9.82 -14.70 -0.29
CA VAL A 74 -8.99 -13.55 -0.78
C VAL A 74 -9.54 -13.09 -2.13
N THR A 75 -9.27 -11.85 -2.50
CA THR A 75 -9.48 -11.32 -3.86
C THR A 75 -8.65 -12.17 -4.83
N TYR A 76 -9.31 -12.74 -5.85
CA TYR A 76 -8.69 -13.63 -6.86
C TYR A 76 -8.01 -12.80 -7.94
N VAL A 77 -8.71 -11.78 -8.44
CA VAL A 77 -8.16 -10.85 -9.48
C VAL A 77 -8.15 -9.45 -8.89
N SER A 78 -6.95 -8.91 -8.67
CA SER A 78 -6.70 -7.61 -8.01
C SER A 78 -6.99 -6.48 -8.98
N SER A 79 -7.53 -5.37 -8.47
CA SER A 79 -7.71 -4.09 -9.19
C SER A 79 -6.70 -3.05 -8.65
N HIS A 80 -5.78 -3.44 -7.76
CA HIS A 80 -4.83 -2.53 -7.05
C HIS A 80 -3.36 -2.91 -7.30
N ASN A 81 -3.07 -4.18 -7.56
CA ASN A 81 -1.67 -4.67 -7.71
C ASN A 81 -1.10 -4.11 -9.02
N ILE A 82 -0.23 -3.11 -8.92
CA ILE A 82 0.39 -2.40 -10.09
C ILE A 82 1.16 -3.41 -10.97
N ARG A 83 1.59 -4.55 -10.42
CA ARG A 83 2.37 -5.58 -11.15
C ARG A 83 1.45 -6.54 -11.89
N ASN A 84 0.16 -6.63 -11.54
CA ASN A 84 -0.81 -7.53 -12.22
C ASN A 84 -2.26 -7.25 -11.79
N THR A 85 -3.05 -6.63 -12.67
CA THR A 85 -4.51 -6.40 -12.48
C THR A 85 -5.32 -7.20 -13.51
N ARG A 86 -4.68 -7.99 -14.37
CA ARG A 86 -5.33 -8.52 -15.60
C ARG A 86 -5.53 -10.04 -15.52
N SER A 87 -4.70 -10.76 -14.74
CA SER A 87 -4.84 -12.21 -14.50
C SER A 87 -4.95 -12.51 -12.99
N ALA A 88 -5.47 -13.70 -12.64
CA ALA A 88 -5.53 -14.21 -11.26
C ALA A 88 -4.11 -14.21 -10.67
N ASN A 89 -3.96 -13.72 -9.43
CA ASN A 89 -2.70 -13.89 -8.67
C ASN A 89 -2.43 -15.39 -8.61
N PRO A 90 -1.33 -15.87 -9.25
CA PRO A 90 -1.04 -17.30 -9.28
C PRO A 90 -0.74 -17.85 -7.88
N SER A 91 -0.42 -16.98 -6.91
CA SER A 91 -0.13 -17.41 -5.51
C SER A 91 -1.44 -17.65 -4.74
N TYR A 92 -2.61 -17.25 -5.25
CA TYR A 92 -3.92 -17.47 -4.58
C TYR A 92 -4.76 -18.54 -5.32
N SER A 93 -4.47 -18.81 -6.58
CA SER A 93 -5.30 -19.70 -7.45
C SER A 93 -4.41 -20.58 -8.33
N ILE A 94 -4.62 -21.90 -8.28
CA ILE A 94 -3.90 -22.90 -9.12
C ILE A 94 -4.88 -23.45 -10.17
N ARG A 95 -4.53 -23.33 -11.46
CA ARG A 95 -5.39 -23.75 -12.59
C ARG A 95 -5.50 -25.29 -12.55
N GLN A 96 -6.72 -25.79 -12.66
CA GLN A 96 -7.08 -27.22 -12.65
C GLN A 96 -7.35 -27.70 -14.09
N ASP A 97 -8.16 -26.93 -14.84
CA ASP A 97 -8.62 -27.26 -16.20
C ASP A 97 -8.74 -25.96 -17.01
N GLU A 98 -8.88 -26.10 -18.32
CA GLU A 98 -9.10 -25.00 -19.27
C GLU A 98 -9.78 -25.55 -20.53
N VAL A 99 -10.88 -24.91 -20.95
CA VAL A 99 -11.56 -25.18 -22.26
C VAL A 99 -11.44 -23.91 -23.11
N THR A 100 -10.96 -24.05 -24.36
CA THR A 100 -10.72 -22.92 -25.32
C THR A 100 -11.78 -22.93 -26.43
N THR A 101 -12.60 -23.98 -26.51
CA THR A 101 -13.77 -24.08 -27.44
C THR A 101 -15.03 -24.29 -26.59
N VAL A 102 -15.83 -23.24 -26.45
CA VAL A 102 -16.93 -23.15 -25.45
C VAL A 102 -18.28 -23.40 -26.12
N ALA A 103 -19.00 -24.42 -25.64
CA ALA A 103 -20.33 -24.83 -26.15
C ALA A 103 -21.37 -24.52 -25.07
N ASN A 104 -22.65 -24.78 -25.38
CA ASN A 104 -23.82 -24.49 -24.51
C ASN A 104 -23.71 -25.30 -23.20
N THR A 105 -23.17 -26.52 -23.26
CA THR A 105 -22.72 -27.34 -22.09
C THR A 105 -21.18 -27.38 -22.10
N LEU A 106 -20.58 -27.31 -20.91
CA LEU A 106 -19.11 -27.25 -20.71
C LEU A 106 -18.78 -28.01 -19.42
N THR A 107 -17.80 -28.91 -19.46
CA THR A 107 -17.33 -29.71 -18.30
C THR A 107 -15.88 -29.32 -17.99
N LEU A 108 -15.61 -29.03 -16.71
CA LEU A 108 -14.26 -28.73 -16.16
C LEU A 108 -13.92 -29.80 -15.13
N LYS A 109 -12.64 -30.20 -15.09
CA LYS A 109 -12.14 -31.37 -14.33
C LYS A 109 -11.02 -30.95 -13.39
N THR A 110 -10.81 -31.74 -12.34
CA THR A 110 -9.78 -31.55 -11.29
C THR A 110 -9.38 -32.95 -10.81
N ARG A 111 -8.15 -33.10 -10.30
CA ARG A 111 -7.69 -34.31 -9.58
C ARG A 111 -7.09 -33.90 -8.22
N GLN A 112 -7.42 -32.70 -7.73
CA GLN A 112 -6.93 -32.12 -6.46
C GLN A 112 -7.62 -32.77 -5.27
N PRO A 113 -6.89 -33.45 -4.36
CA PRO A 113 -7.48 -33.93 -3.11
C PRO A 113 -7.80 -32.72 -2.20
N MET A 114 -9.06 -32.62 -1.75
CA MET A 114 -9.54 -31.53 -0.88
C MET A 114 -9.06 -31.77 0.56
N VAL A 115 -8.96 -30.69 1.35
CA VAL A 115 -8.68 -30.73 2.82
C VAL A 115 -10.01 -30.93 3.55
N LYS A 116 -9.95 -31.30 4.82
CA LYS A 116 -11.14 -31.42 5.71
C LYS A 116 -11.75 -30.04 5.89
N GLY A 117 -13.08 -29.93 5.76
CA GLY A 117 -13.84 -28.68 5.93
C GLY A 117 -13.94 -27.91 4.62
N ILE A 118 -13.70 -26.60 4.67
CA ILE A 118 -14.02 -25.66 3.55
C ILE A 118 -12.96 -25.79 2.46
N ASN A 119 -13.42 -25.89 1.21
CA ASN A 119 -12.56 -25.84 -0.01
C ASN A 119 -13.19 -24.88 -1.00
N TYR A 120 -12.34 -24.06 -1.63
CA TYR A 120 -12.76 -23.01 -2.58
C TYR A 120 -12.22 -23.34 -3.98
N PHE A 121 -13.13 -23.29 -4.94
CA PHE A 121 -12.81 -23.26 -6.38
C PHE A 121 -13.54 -22.07 -6.99
N TRP A 122 -13.13 -21.68 -8.19
CA TRP A 122 -13.85 -20.64 -8.96
C TRP A 122 -13.61 -20.85 -10.46
N VAL A 123 -14.56 -20.34 -11.26
CA VAL A 123 -14.57 -20.41 -12.74
C VAL A 123 -14.20 -19.02 -13.26
N SER A 124 -13.11 -18.95 -14.04
CA SER A 124 -12.72 -17.74 -14.80
C SER A 124 -13.28 -17.83 -16.21
N VAL A 125 -13.81 -16.72 -16.73
CA VAL A 125 -14.14 -16.53 -18.17
C VAL A 125 -13.15 -15.51 -18.73
N GLU A 126 -12.57 -15.84 -19.88
CA GLU A 126 -11.79 -14.91 -20.74
C GLU A 126 -12.59 -14.67 -22.01
N MET A 127 -12.79 -13.42 -22.36
CA MET A 127 -13.55 -12.99 -23.55
C MET A 127 -12.55 -12.61 -24.64
N ASP A 128 -12.95 -12.76 -25.91
CA ASP A 128 -12.30 -12.14 -27.09
C ASP A 128 -12.18 -10.64 -26.80
N ARG A 129 -11.04 -10.04 -27.14
CA ARG A 129 -10.73 -8.60 -26.84
C ARG A 129 -11.73 -7.71 -27.61
N ASN A 130 -12.37 -8.23 -28.65
CA ASN A 130 -13.31 -7.48 -29.53
C ASN A 130 -14.77 -7.82 -29.18
N THR A 131 -15.00 -8.48 -28.02
CA THR A 131 -16.36 -8.83 -27.52
C THR A 131 -17.20 -7.56 -27.45
N SER A 132 -18.43 -7.61 -27.97
CA SER A 132 -19.38 -6.48 -27.89
C SER A 132 -19.64 -6.12 -26.43
N LEU A 133 -19.44 -4.86 -26.06
CA LEU A 133 -19.76 -4.34 -24.70
C LEU A 133 -21.25 -4.55 -24.36
N LEU A 134 -22.11 -4.75 -25.38
CA LEU A 134 -23.58 -4.96 -25.20
C LEU A 134 -23.93 -6.45 -25.02
N SER A 135 -22.96 -7.36 -25.17
CA SER A 135 -23.20 -8.82 -25.07
C SER A 135 -23.41 -9.21 -23.60
N LYS A 136 -24.19 -10.29 -23.37
CA LYS A 136 -24.53 -10.78 -22.01
C LYS A 136 -24.38 -12.30 -21.97
N LEU A 137 -23.95 -12.84 -20.82
CA LEU A 137 -23.92 -14.31 -20.53
C LEU A 137 -24.96 -14.63 -19.46
N THR A 138 -25.77 -15.66 -19.71
CA THR A 138 -26.66 -16.32 -18.72
C THR A 138 -26.12 -17.73 -18.47
N SER A 139 -25.26 -17.87 -17.46
CA SER A 139 -24.54 -19.12 -17.15
C SER A 139 -24.99 -19.62 -15.78
N THR A 140 -25.08 -20.95 -15.65
CA THR A 140 -25.48 -21.71 -14.43
C THR A 140 -24.53 -22.91 -14.27
N VAL A 141 -24.11 -23.20 -13.04
CA VAL A 141 -23.49 -24.52 -12.70
C VAL A 141 -24.65 -25.49 -12.51
N THR A 142 -24.77 -26.48 -13.41
CA THR A 142 -25.92 -27.42 -13.46
C THR A 142 -25.58 -28.75 -12.77
N GLU A 143 -24.30 -29.13 -12.74
CA GLU A 143 -23.83 -30.39 -12.08
C GLU A 143 -22.44 -30.18 -11.49
N VAL A 144 -22.25 -30.72 -10.28
CA VAL A 144 -20.94 -30.75 -9.56
C VAL A 144 -20.78 -32.17 -9.01
N VAL A 145 -19.75 -32.89 -9.45
CA VAL A 145 -19.55 -34.32 -9.07
C VAL A 145 -18.32 -34.40 -8.15
N ILE A 146 -18.50 -35.01 -6.99
CA ILE A 146 -17.43 -35.26 -5.97
C ILE A 146 -17.41 -36.75 -5.67
N ASN A 147 -16.25 -37.39 -5.82
CA ASN A 147 -16.06 -38.85 -5.61
C ASN A 147 -17.07 -39.62 -6.45
N ASP A 148 -17.34 -39.14 -7.68
CA ASP A 148 -18.18 -39.81 -8.72
C ASP A 148 -19.66 -39.85 -8.31
N LYS A 149 -20.07 -38.99 -7.36
CA LYS A 149 -21.50 -38.78 -7.00
C LYS A 149 -21.86 -37.33 -7.33
N PRO A 150 -23.01 -37.06 -8.00
CA PRO A 150 -23.49 -35.69 -8.14
C PRO A 150 -23.87 -35.14 -6.75
N ALA A 151 -23.45 -33.91 -6.43
CA ALA A 151 -23.74 -33.25 -5.14
C ALA A 151 -24.91 -32.29 -5.33
N VAL A 152 -25.64 -32.02 -4.24
CA VAL A 152 -26.76 -31.04 -4.18
C VAL A 152 -26.16 -29.62 -4.30
N ILE A 153 -26.59 -28.88 -5.32
CA ILE A 153 -26.16 -27.49 -5.59
C ILE A 153 -27.17 -26.53 -4.95
N ALA A 154 -26.67 -25.52 -4.22
CA ALA A 154 -27.46 -24.41 -3.67
C ALA A 154 -26.82 -23.08 -4.06
N GLY A 155 -27.55 -21.99 -3.88
CA GLY A 155 -27.07 -20.61 -4.06
C GLY A 155 -27.79 -19.87 -5.17
N GLU A 156 -27.93 -18.56 -5.03
CA GLU A 156 -28.52 -17.67 -6.06
C GLU A 156 -27.44 -17.43 -7.11
N GLN A 157 -27.64 -17.94 -8.34
CA GLN A 157 -26.61 -17.92 -9.42
C GLN A 157 -27.28 -17.59 -10.77
N ALA A 158 -28.43 -16.90 -10.75
CA ALA A 158 -29.29 -16.61 -11.92
C ALA A 158 -28.98 -15.22 -12.51
N ALA A 159 -27.90 -14.57 -12.09
CA ALA A 159 -27.47 -13.24 -12.59
C ALA A 159 -27.31 -13.31 -14.12
N VAL A 160 -27.80 -12.28 -14.82
CA VAL A 160 -27.47 -12.02 -16.25
C VAL A 160 -26.17 -11.19 -16.27
N ARG A 161 -25.05 -11.80 -16.66
CA ARG A 161 -23.71 -11.17 -16.58
C ARG A 161 -23.50 -10.19 -17.75
N ARG A 162 -22.89 -9.04 -17.46
CA ARG A 162 -22.62 -7.95 -18.45
C ARG A 162 -21.13 -7.83 -18.67
N MET A 163 -20.76 -7.25 -19.82
CA MET A 163 -19.34 -6.98 -20.20
C MET A 163 -18.96 -5.57 -19.74
N GLY A 164 -17.66 -5.29 -19.67
CA GLY A 164 -17.11 -3.94 -19.48
C GLY A 164 -15.71 -3.86 -20.01
N ILE A 165 -15.05 -2.71 -19.94
CA ILE A 165 -13.64 -2.56 -20.37
C ILE A 165 -12.90 -1.74 -19.31
N GLY A 166 -11.75 -2.24 -18.86
CA GLY A 166 -10.81 -1.53 -17.98
C GLY A 166 -10.03 -0.49 -18.74
N VAL A 167 -10.57 0.74 -18.83
CA VAL A 167 -9.93 1.88 -19.54
C VAL A 167 -8.63 2.25 -18.83
N ARG A 168 -8.62 2.25 -17.48
CA ARG A 168 -7.38 2.45 -16.66
C ARG A 168 -7.30 1.39 -15.57
N HIS A 169 -6.17 0.71 -15.49
CA HIS A 169 -5.81 -0.23 -14.39
C HIS A 169 -4.75 0.43 -13.53
N ALA A 170 -4.76 0.10 -12.23
CA ALA A 170 -3.69 0.45 -11.28
C ALA A 170 -2.35 0.12 -11.94
N GLY A 171 -1.41 1.07 -11.98
CA GLY A 171 -0.05 0.85 -12.50
C GLY A 171 0.11 1.28 -13.94
N ASP A 172 -0.96 1.52 -14.69
CA ASP A 172 -0.88 1.91 -16.13
C ASP A 172 -0.05 3.19 -16.26
N ASP A 173 0.87 3.22 -17.22
CA ASP A 173 1.75 4.38 -17.53
C ASP A 173 2.46 4.86 -16.26
N GLY A 174 2.77 3.95 -15.34
CA GLY A 174 3.60 4.21 -14.16
C GLY A 174 2.82 4.80 -12.99
N SER A 175 1.53 5.06 -13.15
CA SER A 175 0.66 5.68 -12.11
C SER A 175 0.17 4.62 -11.13
N ALA A 176 0.35 4.86 -9.83
CA ALA A 176 -0.13 3.99 -8.74
C ALA A 176 -1.63 3.76 -8.89
N SER A 177 -2.40 4.82 -9.14
CA SER A 177 -3.89 4.74 -9.19
C SER A 177 -4.49 5.80 -10.10
N PHE A 178 -5.76 5.60 -10.42
CA PHE A 178 -6.63 6.52 -11.18
C PHE A 178 -7.93 6.66 -10.39
N ARG A 179 -8.40 7.90 -10.20
CA ARG A 179 -9.65 8.16 -9.44
C ARG A 179 -10.41 9.31 -10.11
N ILE A 180 -11.68 9.42 -9.76
CA ILE A 180 -12.57 10.58 -10.02
C ILE A 180 -12.91 10.65 -11.50
N PRO A 181 -13.82 9.75 -11.98
CA PRO A 181 -14.27 9.75 -13.36
C PRO A 181 -15.21 10.88 -13.79
N GLY A 182 -15.00 11.37 -15.01
CA GLY A 182 -15.93 12.27 -15.73
C GLY A 182 -16.11 11.75 -17.14
N LEU A 183 -17.30 11.86 -17.72
CA LEU A 183 -17.62 11.31 -19.06
C LEU A 183 -18.58 12.26 -19.79
N VAL A 184 -18.25 12.54 -21.05
CA VAL A 184 -19.14 13.26 -22.02
C VAL A 184 -19.10 12.53 -23.36
N THR A 185 -20.12 12.78 -24.17
CA THR A 185 -20.18 12.41 -25.59
C THR A 185 -20.11 13.72 -26.38
N THR A 186 -19.11 13.88 -27.24
CA THR A 186 -18.98 15.07 -28.12
C THR A 186 -20.06 14.98 -29.20
N ASN A 187 -20.26 16.07 -29.94
CA ASN A 187 -21.25 16.17 -31.04
C ASN A 187 -20.89 15.18 -32.16
N LYS A 188 -19.69 14.61 -32.16
CA LYS A 188 -19.21 13.61 -33.17
C LYS A 188 -19.45 12.17 -32.68
N GLY A 189 -20.00 11.98 -31.48
CA GLY A 189 -20.25 10.65 -30.89
C GLY A 189 -19.02 10.12 -30.16
N THR A 190 -17.99 10.95 -30.00
CA THR A 190 -16.71 10.59 -29.32
C THR A 190 -16.91 10.59 -27.81
N LEU A 191 -16.44 9.54 -27.13
CA LEU A 191 -16.50 9.44 -25.66
C LEU A 191 -15.20 10.03 -25.12
N LEU A 192 -15.32 10.98 -24.19
CA LEU A 192 -14.16 11.56 -23.46
C LEU A 192 -14.35 11.28 -21.95
N GLY A 193 -13.45 10.46 -21.39
CA GLY A 193 -13.39 10.15 -19.95
C GLY A 193 -12.18 10.80 -19.30
N VAL A 194 -12.40 11.59 -18.24
CA VAL A 194 -11.31 12.26 -17.47
C VAL A 194 -11.20 11.60 -16.10
N TYR A 195 -10.05 11.78 -15.45
CA TYR A 195 -9.71 11.16 -14.15
C TYR A 195 -8.42 11.79 -13.60
N ASP A 196 -8.28 11.77 -12.28
CA ASP A 196 -6.98 11.96 -11.58
C ASP A 196 -6.02 10.87 -12.02
N VAL A 197 -4.81 11.26 -12.42
CA VAL A 197 -3.64 10.35 -12.47
C VAL A 197 -2.90 10.53 -11.15
N ARG A 198 -3.07 9.59 -10.21
CA ARG A 198 -2.48 9.67 -8.85
C ARG A 198 -1.23 8.80 -8.84
N TYR A 199 -0.07 9.42 -9.10
CA TYR A 199 1.19 8.73 -9.47
C TYR A 199 1.75 7.96 -8.27
N ASN A 200 1.84 8.60 -7.09
CA ASN A 200 2.61 8.09 -5.93
C ASN A 200 1.78 7.06 -5.13
N ASN A 201 0.45 7.18 -5.13
CA ASN A 201 -0.47 6.44 -4.23
C ASN A 201 -1.90 6.84 -4.59
N SER A 202 -2.88 6.65 -3.72
CA SER A 202 -4.31 6.90 -4.04
C SER A 202 -4.91 8.03 -3.19
N VAL A 203 -4.10 8.78 -2.43
CA VAL A 203 -4.63 9.92 -1.62
C VAL A 203 -4.93 11.12 -2.54
N ALA A 204 -5.90 11.93 -2.15
CA ALA A 204 -6.37 13.13 -2.88
C ALA A 204 -5.29 14.21 -2.78
N LEU A 205 -5.49 15.32 -3.49
CA LEU A 205 -4.68 16.56 -3.32
C LEU A 205 -4.47 16.83 -1.83
N GLN A 206 -3.30 17.31 -1.42
CA GLN A 206 -2.16 17.63 -2.26
C GLN A 206 -1.34 16.34 -2.49
N GLU A 207 -0.93 16.11 -3.73
CA GLU A 207 0.04 15.06 -4.14
C GLU A 207 0.44 15.29 -5.61
N HIS A 208 1.30 14.43 -6.14
CA HIS A 208 1.66 14.40 -7.58
C HIS A 208 0.48 13.84 -8.36
N ILE A 209 -0.39 14.72 -8.86
CA ILE A 209 -1.65 14.35 -9.55
C ILE A 209 -1.77 15.22 -10.79
N ASP A 210 -2.03 14.61 -11.94
CA ASP A 210 -2.41 15.30 -13.21
C ASP A 210 -3.83 14.86 -13.58
N VAL A 211 -4.47 15.54 -14.52
CA VAL A 211 -5.76 15.11 -15.11
C VAL A 211 -5.47 14.37 -16.42
N GLY A 212 -5.77 13.06 -16.45
CA GLY A 212 -5.65 12.20 -17.64
C GLY A 212 -6.95 12.21 -18.43
N LEU A 213 -6.89 11.83 -19.71
CA LEU A 213 -8.08 11.73 -20.60
C LEU A 213 -7.93 10.54 -21.54
N SER A 214 -8.97 9.71 -21.60
CA SER A 214 -9.10 8.56 -22.52
C SER A 214 -10.21 8.88 -23.53
N ARG A 215 -9.94 8.64 -24.82
CA ARG A 215 -10.80 9.02 -25.97
C ARG A 215 -11.18 7.74 -26.74
N SER A 216 -12.47 7.59 -27.05
CA SER A 216 -13.02 6.47 -27.86
C SER A 216 -13.94 6.99 -28.96
N THR A 217 -13.66 6.60 -30.20
CA THR A 217 -14.42 6.98 -31.42
C THR A 217 -15.30 5.79 -31.86
N ASP A 218 -15.44 4.74 -31.02
CA ASP A 218 -16.22 3.52 -31.37
C ASP A 218 -17.07 3.07 -30.19
N LYS A 219 -17.68 4.01 -29.46
CA LYS A 219 -18.71 3.74 -28.41
C LYS A 219 -18.08 2.91 -27.28
N GLY A 220 -16.77 3.04 -27.10
CA GLY A 220 -16.03 2.49 -25.94
C GLY A 220 -15.39 1.13 -26.15
N GLN A 221 -15.50 0.52 -27.34
CA GLN A 221 -14.87 -0.80 -27.66
C GLN A 221 -13.33 -0.68 -27.65
N THR A 222 -12.83 0.51 -28.03
CA THR A 222 -11.38 0.86 -28.06
C THR A 222 -11.17 2.26 -27.50
N TRP A 223 -10.03 2.45 -26.83
CA TRP A 223 -9.64 3.71 -26.14
C TRP A 223 -8.23 4.09 -26.59
N GLU A 224 -8.04 5.33 -27.02
CA GLU A 224 -6.72 5.85 -27.49
C GLU A 224 -5.79 5.95 -26.29
N PRO A 225 -4.46 5.95 -26.48
CA PRO A 225 -3.54 6.14 -25.37
C PRO A 225 -3.89 7.38 -24.52
N MET A 226 -3.62 7.30 -23.22
CA MET A 226 -3.92 8.37 -22.23
C MET A 226 -3.22 9.67 -22.66
N ARG A 227 -3.97 10.76 -22.70
CA ARG A 227 -3.49 12.15 -22.86
C ARG A 227 -3.48 12.80 -21.48
N ILE A 228 -2.48 13.64 -21.19
CA ILE A 228 -2.51 14.57 -20.04
C ILE A 228 -3.27 15.81 -20.48
N ALA A 229 -4.51 15.96 -20.01
CA ALA A 229 -5.36 17.13 -20.27
C ALA A 229 -4.86 18.34 -19.46
N MET A 230 -4.33 18.10 -18.26
CA MET A 230 -3.93 19.20 -17.35
C MET A 230 -2.86 18.73 -16.36
N SER A 231 -1.87 19.59 -16.13
CA SER A 231 -0.63 19.29 -15.38
C SER A 231 0.06 20.58 -14.95
N PHE A 232 0.70 20.61 -13.78
CA PHE A 232 1.46 21.82 -13.34
C PHE A 232 2.93 21.47 -13.04
N GLY A 233 3.34 20.22 -13.26
CA GLY A 233 4.75 19.78 -13.10
C GLY A 233 5.43 20.57 -12.01
N GLU A 234 6.50 21.30 -12.32
CA GLU A 234 7.33 22.03 -11.32
C GLU A 234 7.10 23.54 -11.41
N THR A 235 5.85 23.97 -11.49
CA THR A 235 5.46 25.41 -11.53
C THR A 235 6.13 26.15 -10.35
N ASP A 236 6.79 27.27 -10.63
CA ASP A 236 7.46 28.21 -9.69
C ASP A 236 8.61 27.52 -8.94
N GLY A 237 9.07 26.37 -9.42
CA GLY A 237 10.18 25.60 -8.84
C GLY A 237 9.77 24.85 -7.58
N LEU A 238 8.46 24.68 -7.35
CA LEU A 238 7.94 23.78 -6.27
C LEU A 238 7.83 22.36 -6.82
N PRO A 239 8.12 21.31 -6.03
CA PRO A 239 8.01 19.93 -6.48
C PRO A 239 6.64 19.64 -7.14
N SER A 240 6.58 18.68 -8.07
CA SER A 240 5.32 18.23 -8.73
C SER A 240 4.36 17.65 -7.68
N GLY A 241 4.90 17.11 -6.59
CA GLY A 241 4.14 16.59 -5.44
C GLY A 241 3.43 17.70 -4.67
N GLN A 242 3.88 18.95 -4.84
CA GLN A 242 3.22 20.16 -4.26
C GLN A 242 2.67 21.01 -5.41
N ASN A 243 2.18 20.36 -6.47
CA ASN A 243 1.63 21.01 -7.68
C ASN A 243 0.52 20.15 -8.31
N GLY A 244 -0.14 19.32 -7.52
CA GLY A 244 -1.18 18.40 -8.01
C GLY A 244 -2.37 19.18 -8.56
N VAL A 245 -3.06 18.59 -9.54
CA VAL A 245 -4.35 19.11 -10.07
C VAL A 245 -5.29 17.92 -10.26
N GLY A 246 -6.52 18.00 -9.75
CA GLY A 246 -7.44 16.85 -9.78
C GLY A 246 -8.89 17.18 -9.46
N ASP A 247 -9.65 16.12 -9.15
CA ASP A 247 -11.13 16.09 -9.01
C ASP A 247 -11.76 16.69 -10.26
N PRO A 248 -11.40 16.25 -11.48
CA PRO A 248 -11.86 16.92 -12.70
C PRO A 248 -13.36 16.79 -12.99
N SER A 249 -13.89 17.79 -13.69
CA SER A 249 -15.26 17.83 -14.26
C SER A 249 -15.10 18.27 -15.72
N ILE A 250 -15.82 17.60 -16.62
CA ILE A 250 -15.75 17.79 -18.09
C ILE A 250 -17.16 18.09 -18.61
N LEU A 251 -17.30 19.00 -19.58
CA LEU A 251 -18.57 19.22 -20.32
C LEU A 251 -18.25 19.48 -21.79
N VAL A 252 -19.22 19.17 -22.64
CA VAL A 252 -19.25 19.53 -24.09
C VAL A 252 -20.13 20.78 -24.22
N ASP A 253 -19.58 21.85 -24.81
CA ASP A 253 -20.39 23.00 -25.28
C ASP A 253 -21.13 22.54 -26.53
N GLU A 254 -22.39 22.14 -26.39
CA GLU A 254 -23.16 21.42 -27.45
C GLU A 254 -23.34 22.32 -28.67
N ARG A 255 -23.23 23.65 -28.51
CA ARG A 255 -23.38 24.63 -29.61
C ARG A 255 -22.14 24.61 -30.51
N THR A 256 -20.93 24.48 -29.93
CA THR A 256 -19.64 24.61 -30.66
C THR A 256 -18.89 23.26 -30.73
N ASN A 257 -19.25 22.30 -29.89
CA ASN A 257 -18.50 21.04 -29.66
C ASN A 257 -17.16 21.32 -28.98
N THR A 258 -16.93 22.52 -28.46
CA THR A 258 -15.74 22.81 -27.62
C THR A 258 -15.91 22.04 -26.32
N VAL A 259 -14.88 21.28 -25.93
CA VAL A 259 -14.87 20.47 -24.68
C VAL A 259 -14.06 21.22 -23.62
N TRP A 260 -14.62 21.35 -22.42
CA TRP A 260 -14.03 22.06 -21.26
C TRP A 260 -13.74 21.08 -20.13
N VAL A 261 -12.56 21.20 -19.51
CA VAL A 261 -12.19 20.47 -18.25
C VAL A 261 -11.79 21.50 -17.20
N VAL A 262 -12.47 21.46 -16.05
CA VAL A 262 -12.18 22.25 -14.84
C VAL A 262 -11.64 21.33 -13.75
N ALA A 263 -10.63 21.80 -13.03
CA ALA A 263 -9.92 21.00 -12.00
C ALA A 263 -9.33 21.95 -10.96
N ALA A 264 -9.01 21.40 -9.79
CA ALA A 264 -8.47 22.12 -8.62
C ALA A 264 -6.96 21.90 -8.60
N TRP A 265 -6.20 22.98 -8.73
CA TRP A 265 -4.72 22.98 -8.64
C TRP A 265 -4.33 23.41 -7.23
N THR A 266 -3.59 22.55 -6.53
CA THR A 266 -3.02 22.88 -5.20
C THR A 266 -1.52 23.10 -5.37
N HIS A 267 -1.05 24.26 -4.88
CA HIS A 267 0.33 24.76 -4.99
C HIS A 267 0.91 24.95 -3.59
N GLY A 268 1.87 24.13 -3.19
CA GLY A 268 2.42 24.09 -1.83
C GLY A 268 1.70 23.07 -0.98
N MET A 269 1.31 23.46 0.24
CA MET A 269 0.47 22.67 1.19
C MET A 269 1.17 21.40 1.69
N GLY A 270 2.50 21.34 1.61
CA GLY A 270 3.26 20.15 2.06
C GLY A 270 2.70 18.90 1.41
N ASN A 271 2.57 17.82 2.20
CA ASN A 271 2.04 16.52 1.72
C ASN A 271 0.77 16.18 2.52
N ALA A 272 -0.17 17.11 2.58
CA ALA A 272 -1.39 16.99 3.41
C ALA A 272 -2.62 17.16 2.51
N ARG A 273 -3.80 16.80 3.02
CA ARG A 273 -5.05 16.81 2.22
C ARG A 273 -5.53 18.26 2.11
N ALA A 274 -5.86 18.71 0.89
CA ALA A 274 -6.36 20.06 0.57
C ALA A 274 -7.70 20.30 1.28
N TRP A 275 -8.49 19.25 1.46
CA TRP A 275 -9.83 19.35 2.09
C TRP A 275 -9.75 20.06 3.44
N THR A 276 -8.70 19.80 4.23
CA THR A 276 -8.49 20.42 5.58
C THR A 276 -7.38 21.48 5.54
N ASN A 277 -6.58 21.57 4.47
CA ASN A 277 -5.35 22.42 4.48
C ASN A 277 -5.42 23.58 3.48
N SER A 278 -6.36 23.58 2.53
CA SER A 278 -6.62 24.79 1.69
C SER A 278 -7.19 25.87 2.62
N MET A 279 -6.68 27.10 2.53
CA MET A 279 -6.98 28.19 3.48
C MET A 279 -7.51 29.39 2.69
N PRO A 280 -8.23 30.33 3.36
CA PRO A 280 -8.72 31.54 2.71
C PRO A 280 -7.63 32.36 1.98
N GLY A 281 -8.06 33.21 1.05
CA GLY A 281 -7.20 34.01 0.15
C GLY A 281 -7.59 33.83 -1.30
N MET A 282 -6.68 34.16 -2.21
CA MET A 282 -6.92 34.15 -3.69
C MET A 282 -5.70 33.63 -4.48
N THR A 283 -4.47 33.88 -4.03
CA THR A 283 -3.24 33.52 -4.81
C THR A 283 -3.05 32.01 -4.79
N PRO A 284 -2.29 31.47 -5.76
CA PRO A 284 -1.89 30.06 -5.74
C PRO A 284 -1.21 29.63 -4.43
N ASP A 285 -0.39 30.51 -3.82
CA ASP A 285 0.33 30.22 -2.56
C ASP A 285 -0.67 30.12 -1.39
N GLU A 286 -1.84 30.77 -1.51
CA GLU A 286 -2.82 30.96 -0.41
C GLU A 286 -3.88 29.85 -0.41
N THR A 287 -4.43 29.49 -1.58
CA THR A 287 -5.66 28.67 -1.71
C THR A 287 -5.64 27.86 -3.00
N ALA A 288 -6.35 26.74 -3.01
CA ALA A 288 -6.63 25.94 -4.22
C ALA A 288 -7.15 26.87 -5.32
N GLN A 289 -6.69 26.66 -6.56
CA GLN A 289 -7.02 27.49 -7.75
C GLN A 289 -7.93 26.70 -8.67
N LEU A 290 -8.96 27.37 -9.21
CA LEU A 290 -9.93 26.79 -10.17
C LEU A 290 -9.40 26.99 -11.58
N MET A 291 -8.97 25.90 -12.23
CA MET A 291 -8.22 25.97 -13.50
C MET A 291 -9.03 25.31 -14.62
N MET A 292 -8.93 25.79 -15.85
CA MET A 292 -9.66 25.22 -17.00
C MET A 292 -8.76 25.08 -18.23
N VAL A 293 -8.94 23.99 -18.96
CA VAL A 293 -8.38 23.73 -20.31
C VAL A 293 -9.56 23.48 -21.25
N LYS A 294 -9.31 23.58 -22.57
CA LYS A 294 -10.33 23.30 -23.61
C LYS A 294 -9.67 22.59 -24.78
N SER A 295 -10.49 21.84 -25.52
CA SER A 295 -10.16 21.16 -26.79
C SER A 295 -11.15 21.65 -27.85
N THR A 296 -10.64 22.06 -29.01
CA THR A 296 -11.43 22.52 -30.17
C THR A 296 -11.39 21.43 -31.24
N ASP A 297 -10.74 20.30 -30.95
CA ASP A 297 -10.51 19.19 -31.92
C ASP A 297 -11.01 17.87 -31.31
N ASP A 298 -12.17 17.88 -30.66
CA ASP A 298 -12.91 16.66 -30.25
C ASP A 298 -12.05 15.88 -29.24
N GLY A 299 -11.26 16.59 -28.44
CA GLY A 299 -10.50 16.02 -27.30
C GLY A 299 -9.14 15.46 -27.69
N ARG A 300 -8.63 15.76 -28.87
CA ARG A 300 -7.30 15.25 -29.35
C ARG A 300 -6.15 16.01 -28.66
N THR A 301 -6.27 17.34 -28.55
CA THR A 301 -5.24 18.25 -27.99
C THR A 301 -5.91 19.22 -27.03
N TRP A 302 -5.15 19.76 -26.07
CA TRP A 302 -5.69 20.55 -24.94
C TRP A 302 -4.95 21.87 -24.79
N SER A 303 -5.70 22.96 -24.61
CA SER A 303 -5.16 24.31 -24.37
C SER A 303 -4.31 24.30 -23.10
N GLU A 304 -3.40 25.26 -22.96
CA GLU A 304 -2.78 25.62 -21.66
C GLU A 304 -3.92 26.01 -20.71
N SER A 305 -3.69 25.90 -19.40
CA SER A 305 -4.73 26.15 -18.37
C SER A 305 -4.94 27.66 -18.22
N THR A 306 -6.18 28.07 -17.96
CA THR A 306 -6.56 29.45 -17.58
C THR A 306 -7.04 29.40 -16.13
N ASN A 307 -6.69 30.41 -15.33
CA ASN A 307 -7.00 30.54 -13.89
C ASN A 307 -8.26 31.39 -13.72
N ILE A 308 -9.36 30.77 -13.29
CA ILE A 308 -10.73 31.34 -13.21
C ILE A 308 -11.04 31.73 -11.77
N THR A 309 -10.10 31.53 -10.84
CA THR A 309 -10.32 31.71 -9.37
C THR A 309 -10.86 33.13 -9.11
N SER A 310 -10.20 34.17 -9.61
CA SER A 310 -10.54 35.61 -9.36
C SER A 310 -11.98 35.93 -9.79
N GLN A 311 -12.55 35.21 -10.76
CA GLN A 311 -13.92 35.48 -11.28
C GLN A 311 -15.01 35.02 -10.30
N VAL A 312 -14.78 33.96 -9.53
CA VAL A 312 -15.88 33.23 -8.84
C VAL A 312 -15.58 32.96 -7.36
N LYS A 313 -14.33 32.97 -6.90
CA LYS A 313 -14.03 32.63 -5.48
C LYS A 313 -14.19 33.87 -4.59
N ASP A 314 -15.09 33.79 -3.62
CA ASP A 314 -15.11 34.65 -2.42
C ASP A 314 -13.77 34.48 -1.70
N PRO A 315 -13.04 35.56 -1.39
CA PRO A 315 -11.77 35.46 -0.65
C PRO A 315 -11.84 34.73 0.70
N SER A 316 -12.98 34.78 1.38
CA SER A 316 -13.17 34.23 2.76
C SER A 316 -13.33 32.70 2.73
N TRP A 317 -13.65 32.11 1.57
CA TRP A 317 -13.78 30.64 1.41
C TRP A 317 -12.41 29.98 1.59
N CYS A 318 -12.36 28.86 2.31
CA CYS A 318 -11.12 28.06 2.51
C CYS A 318 -10.76 27.34 1.22
N PHE A 319 -11.77 26.94 0.44
CA PHE A 319 -11.63 26.00 -0.70
C PHE A 319 -12.82 26.12 -1.64
N LEU A 320 -12.57 26.46 -2.90
CA LEU A 320 -13.58 26.42 -4.00
C LEU A 320 -13.08 25.43 -5.04
N LEU A 321 -13.93 24.52 -5.48
CA LEU A 321 -13.59 23.59 -6.59
C LEU A 321 -14.86 23.12 -7.28
N GLN A 322 -14.68 22.60 -8.49
CA GLN A 322 -15.71 21.88 -9.29
C GLN A 322 -16.23 20.68 -8.49
N GLY A 323 -17.49 20.32 -8.71
CA GLY A 323 -18.01 18.98 -8.40
C GLY A 323 -17.50 18.01 -9.44
N PRO A 324 -16.79 16.93 -9.05
CA PRO A 324 -16.21 16.03 -10.02
C PRO A 324 -17.33 15.36 -10.84
N GLY A 325 -16.99 14.98 -12.07
CA GLY A 325 -17.86 14.30 -13.03
C GLY A 325 -17.98 15.12 -14.29
N ARG A 326 -19.14 15.78 -14.48
CA ARG A 326 -19.42 16.52 -15.72
C ARG A 326 -20.27 17.75 -15.43
N GLY A 327 -20.25 18.68 -16.37
CA GLY A 327 -21.15 19.85 -16.45
C GLY A 327 -22.09 19.65 -17.62
N ILE A 328 -22.92 20.65 -17.93
CA ILE A 328 -23.94 20.55 -19.01
C ILE A 328 -23.90 21.79 -19.89
N THR A 329 -24.50 21.66 -21.08
CA THR A 329 -25.07 22.77 -21.88
C THR A 329 -26.59 22.76 -21.66
N MET A 330 -27.17 23.91 -21.32
CA MET A 330 -28.64 24.05 -21.20
C MET A 330 -29.20 24.29 -22.61
N ARG A 331 -30.51 24.11 -22.78
CA ARG A 331 -31.22 24.32 -24.08
C ARG A 331 -30.92 25.71 -24.64
N ASP A 332 -30.77 26.73 -23.78
CA ASP A 332 -30.51 28.14 -24.17
C ASP A 332 -29.00 28.41 -24.35
N GLY A 333 -28.14 27.39 -24.25
CA GLY A 333 -26.70 27.49 -24.58
C GLY A 333 -25.81 27.84 -23.41
N THR A 334 -26.37 28.11 -22.23
CA THR A 334 -25.62 28.32 -20.96
C THR A 334 -24.79 27.08 -20.61
N LEU A 335 -23.49 27.24 -20.36
CA LEU A 335 -22.61 26.17 -19.83
C LEU A 335 -22.68 26.18 -18.30
N VAL A 336 -22.90 25.02 -17.68
CA VAL A 336 -23.05 24.89 -16.20
C VAL A 336 -22.13 23.75 -15.70
N PHE A 337 -21.21 24.10 -14.78
CA PHE A 337 -20.40 23.17 -13.95
C PHE A 337 -20.90 23.21 -12.52
N PRO A 338 -21.26 22.06 -11.91
CA PRO A 338 -21.43 21.98 -10.47
C PRO A 338 -20.13 22.40 -9.75
N ILE A 339 -20.28 23.11 -8.64
CA ILE A 339 -19.15 23.57 -7.76
C ILE A 339 -19.51 23.27 -6.30
N GLN A 340 -18.51 23.44 -5.44
CA GLN A 340 -18.61 23.23 -3.96
C GLN A 340 -17.58 24.16 -3.32
N PHE A 341 -17.93 24.79 -2.19
CA PHE A 341 -16.98 25.67 -1.46
C PHE A 341 -17.09 25.40 0.02
N ILE A 342 -15.94 25.48 0.69
CA ILE A 342 -15.79 25.45 2.17
C ILE A 342 -15.74 26.92 2.61
N ASP A 343 -16.66 27.34 3.47
CA ASP A 343 -16.77 28.74 3.94
C ASP A 343 -15.76 28.96 5.09
N SER A 344 -15.71 30.18 5.62
CA SER A 344 -14.71 30.61 6.64
C SER A 344 -14.81 29.74 7.90
N LEU A 345 -15.97 29.13 8.17
CA LEU A 345 -16.21 28.28 9.37
C LEU A 345 -16.03 26.79 9.04
N ARG A 346 -15.47 26.46 7.88
CA ARG A 346 -15.17 25.06 7.42
C ARG A 346 -16.47 24.29 7.14
N VAL A 347 -17.56 24.98 6.77
CA VAL A 347 -18.83 24.30 6.40
C VAL A 347 -18.88 24.22 4.87
N PRO A 348 -18.96 23.01 4.29
CA PRO A 348 -19.04 22.87 2.83
C PRO A 348 -20.47 23.11 2.30
N HIS A 349 -20.57 23.72 1.11
CA HIS A 349 -21.85 23.96 0.39
C HIS A 349 -21.68 23.57 -1.07
N ALA A 350 -22.66 22.86 -1.65
CA ALA A 350 -22.75 22.61 -3.11
C ALA A 350 -23.47 23.79 -3.76
N GLY A 351 -23.14 24.08 -5.01
CA GLY A 351 -23.88 25.04 -5.86
C GLY A 351 -23.55 24.83 -7.31
N ILE A 352 -23.80 25.84 -8.14
CA ILE A 352 -23.48 25.80 -9.60
C ILE A 352 -22.73 27.07 -10.01
N MET A 353 -21.89 26.90 -11.02
CA MET A 353 -21.11 27.95 -11.71
C MET A 353 -21.51 27.86 -13.19
N TYR A 354 -21.84 28.98 -13.83
CA TYR A 354 -22.36 29.00 -15.22
C TYR A 354 -21.65 30.07 -16.05
N SER A 355 -21.60 29.84 -17.36
CA SER A 355 -21.13 30.79 -18.40
C SER A 355 -22.25 30.98 -19.42
N LYS A 356 -22.56 32.22 -19.78
CA LYS A 356 -23.57 32.57 -20.81
C LYS A 356 -22.86 33.01 -22.09
N ASP A 357 -21.52 32.94 -22.13
CA ASP A 357 -20.68 33.51 -23.22
C ASP A 357 -19.65 32.46 -23.70
N ARG A 358 -20.04 31.19 -23.77
CA ARG A 358 -19.24 30.07 -24.36
C ARG A 358 -17.99 29.75 -23.54
N GLY A 359 -17.97 30.15 -22.26
CA GLY A 359 -16.91 29.81 -21.30
C GLY A 359 -15.89 30.93 -21.14
N GLU A 360 -16.22 32.13 -21.62
CA GLU A 360 -15.35 33.33 -21.51
C GLU A 360 -15.31 33.80 -20.05
N THR A 361 -16.48 33.92 -19.41
CA THR A 361 -16.62 34.35 -18.00
C THR A 361 -17.57 33.41 -17.25
N TRP A 362 -17.34 33.24 -15.95
CA TRP A 362 -18.10 32.31 -15.07
C TRP A 362 -18.63 33.07 -13.86
N HIS A 363 -19.75 32.61 -13.31
CA HIS A 363 -20.51 33.25 -12.21
C HIS A 363 -21.00 32.19 -11.23
N ILE A 364 -20.92 32.48 -9.93
CA ILE A 364 -21.57 31.70 -8.85
C ILE A 364 -22.46 32.65 -8.05
N HIS A 365 -23.71 32.25 -7.78
CA HIS A 365 -24.67 33.00 -6.93
C HIS A 365 -24.68 32.33 -5.55
N GLN A 366 -25.79 31.70 -5.16
CA GLN A 366 -26.02 31.25 -3.76
C GLN A 366 -25.82 29.75 -3.67
N PRO A 367 -25.30 29.24 -2.53
CA PRO A 367 -25.25 27.81 -2.27
C PRO A 367 -26.66 27.22 -2.22
N ALA A 368 -26.80 25.94 -2.59
CA ALA A 368 -28.08 25.21 -2.59
C ALA A 368 -28.44 24.76 -1.17
N ARG A 369 -27.46 24.28 -0.40
CA ARG A 369 -27.71 23.55 0.87
C ARG A 369 -26.42 23.47 1.70
N THR A 370 -26.57 23.66 3.01
CA THR A 370 -25.49 23.54 4.03
C THR A 370 -24.97 22.10 4.11
N ASN A 371 -23.66 21.91 4.33
CA ASN A 371 -23.06 20.59 4.65
C ASN A 371 -23.30 19.62 3.49
N THR A 372 -23.15 20.10 2.25
CA THR A 372 -23.12 19.29 1.01
C THR A 372 -21.79 19.54 0.32
N THR A 373 -21.36 18.62 -0.52
CA THR A 373 -20.05 18.70 -1.21
C THR A 373 -20.28 18.47 -2.70
N GLU A 374 -19.96 17.27 -3.16
CA GLU A 374 -19.98 16.91 -4.59
C GLU A 374 -21.42 16.87 -5.07
N ALA A 375 -21.71 17.50 -6.20
CA ALA A 375 -23.04 17.53 -6.81
C ALA A 375 -22.91 17.39 -8.33
N GLN A 376 -23.99 16.94 -8.98
CA GLN A 376 -24.14 16.94 -10.45
C GLN A 376 -25.48 17.60 -10.76
N VAL A 377 -25.57 18.24 -11.92
CA VAL A 377 -26.73 19.09 -12.29
C VAL A 377 -27.30 18.57 -13.61
N ALA A 378 -28.63 18.63 -13.75
CA ALA A 378 -29.37 18.27 -14.98
C ALA A 378 -30.46 19.32 -15.22
N GLU A 379 -30.68 19.65 -16.49
CA GLU A 379 -31.81 20.51 -16.92
C GLU A 379 -33.03 19.62 -17.11
N VAL A 380 -33.82 19.46 -16.03
CA VAL A 380 -34.96 18.50 -15.91
C VAL A 380 -36.11 18.97 -16.79
N GLU A 381 -36.28 20.29 -16.91
CA GLU A 381 -37.27 20.96 -17.79
C GLU A 381 -36.62 22.27 -18.25
N PRO A 382 -37.15 22.93 -19.30
CA PRO A 382 -36.54 24.14 -19.83
C PRO A 382 -36.33 25.24 -18.76
N GLY A 383 -35.08 25.64 -18.55
CA GLY A 383 -34.67 26.72 -17.61
C GLY A 383 -34.72 26.28 -16.16
N VAL A 384 -34.85 24.98 -15.91
CA VAL A 384 -35.09 24.39 -14.55
C VAL A 384 -33.96 23.41 -14.26
N LEU A 385 -33.08 23.76 -13.31
CA LEU A 385 -31.86 22.99 -12.97
C LEU A 385 -32.10 22.20 -11.67
N MET A 386 -31.88 20.88 -11.74
CA MET A 386 -31.93 19.96 -10.58
C MET A 386 -30.49 19.71 -10.11
N LEU A 387 -30.16 20.13 -8.89
CA LEU A 387 -28.85 19.82 -8.25
C LEU A 387 -29.02 18.62 -7.31
N ASN A 388 -28.23 17.57 -7.57
CA ASN A 388 -28.21 16.30 -6.82
C ASN A 388 -26.88 16.23 -6.06
N MET A 389 -26.94 16.19 -4.72
CA MET A 389 -25.82 16.54 -3.82
C MET A 389 -25.45 15.40 -2.86
N ARG A 390 -24.14 15.14 -2.72
CA ARG A 390 -23.53 14.40 -1.58
C ARG A 390 -23.81 15.18 -0.29
N ASP A 391 -24.40 14.52 0.71
CA ASP A 391 -24.89 15.16 1.95
C ASP A 391 -24.17 14.52 3.15
N ASN A 392 -23.48 15.34 3.95
CA ASN A 392 -22.63 14.86 5.08
C ASN A 392 -23.50 14.32 6.22
N ARG A 393 -24.82 14.51 6.16
CA ARG A 393 -25.77 14.01 7.19
C ARG A 393 -25.93 12.49 7.05
N GLY A 394 -25.61 11.94 5.88
CA GLY A 394 -25.61 10.49 5.62
C GLY A 394 -26.97 9.95 5.18
N GLY A 395 -26.97 8.80 4.51
CA GLY A 395 -28.19 8.02 4.24
C GLY A 395 -28.80 8.28 2.87
N SER A 396 -28.80 9.52 2.36
CA SER A 396 -29.62 9.87 1.17
C SER A 396 -29.12 11.15 0.46
N ARG A 397 -29.32 11.23 -0.86
CA ARG A 397 -28.94 12.40 -1.68
C ARG A 397 -29.86 13.58 -1.33
N ALA A 398 -29.30 14.79 -1.24
CA ALA A 398 -30.06 16.06 -1.26
C ALA A 398 -30.40 16.42 -2.71
N VAL A 399 -31.61 16.95 -2.93
CA VAL A 399 -32.06 17.35 -4.30
C VAL A 399 -32.76 18.70 -4.18
N SER A 400 -32.25 19.69 -4.91
CA SER A 400 -32.79 21.06 -4.94
C SER A 400 -33.04 21.46 -6.40
N ILE A 401 -33.89 22.46 -6.59
CA ILE A 401 -34.24 23.06 -7.90
C ILE A 401 -33.89 24.54 -7.84
N THR A 402 -33.28 25.06 -8.90
CA THR A 402 -33.17 26.53 -9.17
C THR A 402 -33.75 26.78 -10.56
N ARG A 403 -34.49 27.87 -10.76
CA ARG A 403 -34.90 28.31 -12.12
C ARG A 403 -34.30 29.68 -12.40
N ASP A 404 -33.29 30.08 -11.62
CA ASP A 404 -32.59 31.39 -11.76
C ASP A 404 -31.08 31.18 -11.59
N LEU A 405 -30.56 30.01 -11.99
CA LEU A 405 -29.11 29.68 -12.01
C LEU A 405 -28.47 29.84 -10.62
N GLY A 406 -29.26 29.66 -9.55
CA GLY A 406 -28.76 29.53 -8.17
C GLY A 406 -28.87 30.81 -7.38
N LYS A 407 -29.55 31.84 -7.89
CA LYS A 407 -29.86 33.04 -7.07
C LYS A 407 -30.76 32.57 -5.92
N SER A 408 -31.69 31.66 -6.20
CA SER A 408 -32.62 31.05 -5.21
C SER A 408 -32.73 29.55 -5.48
N TRP A 409 -33.14 28.78 -4.46
CA TRP A 409 -33.23 27.30 -4.46
C TRP A 409 -34.51 26.88 -3.74
N THR A 410 -35.13 25.80 -4.22
CA THR A 410 -36.24 25.10 -3.52
C THR A 410 -35.85 23.63 -3.38
N GLU A 411 -36.17 23.03 -2.23
CA GLU A 411 -36.12 21.57 -2.01
C GLU A 411 -37.02 20.88 -3.02
N HIS A 412 -36.52 19.79 -3.60
CA HIS A 412 -37.32 18.89 -4.48
C HIS A 412 -38.05 17.88 -3.59
N SER A 413 -39.20 17.36 -4.05
CA SER A 413 -40.01 16.31 -3.36
C SER A 413 -39.14 15.08 -3.05
N SER A 414 -38.14 14.79 -3.88
CA SER A 414 -37.30 13.56 -3.76
C SER A 414 -36.14 13.80 -2.77
N ASN A 415 -35.96 15.03 -2.29
CA ASN A 415 -34.88 15.43 -1.36
C ASN A 415 -34.81 14.47 -0.17
N ARG A 416 -33.62 13.96 0.12
CA ARG A 416 -33.30 13.24 1.38
C ARG A 416 -34.33 12.15 1.63
N SER A 417 -34.71 11.39 0.59
CA SER A 417 -35.69 10.28 0.70
C SER A 417 -35.50 9.25 -0.41
N ALA A 418 -35.66 9.67 -1.68
CA ALA A 418 -35.81 8.78 -2.86
C ALA A 418 -34.51 8.06 -3.24
N LEU A 419 -33.32 8.64 -2.99
CA LEU A 419 -32.03 8.08 -3.46
C LEU A 419 -31.07 7.82 -2.31
N PRO A 420 -30.98 6.57 -1.81
CA PRO A 420 -29.98 6.18 -0.82
C PRO A 420 -28.52 6.45 -1.25
N GLU A 421 -27.69 6.90 -0.30
CA GLU A 421 -26.22 7.00 -0.52
C GLU A 421 -25.47 6.77 0.80
N SER A 422 -24.15 6.60 0.71
CA SER A 422 -23.23 6.33 1.83
C SER A 422 -22.25 7.51 2.00
N ILE A 423 -22.60 8.66 1.42
CA ILE A 423 -21.76 9.89 1.34
C ILE A 423 -20.66 9.61 0.31
N CYS A 424 -21.00 9.78 -0.96
CA CYS A 424 -20.19 9.38 -2.13
C CYS A 424 -20.65 10.21 -3.33
N MET A 425 -19.74 10.41 -4.29
CA MET A 425 -20.08 11.08 -5.58
C MET A 425 -21.21 10.27 -6.25
N ALA A 426 -22.15 10.94 -6.91
CA ALA A 426 -23.19 10.30 -7.76
C ALA A 426 -23.29 11.06 -9.07
N SER A 427 -23.69 10.38 -10.15
CA SER A 427 -23.93 10.96 -11.49
C SER A 427 -25.45 11.09 -11.71
N LEU A 428 -25.86 12.21 -12.29
CA LEU A 428 -27.25 12.49 -12.75
C LEU A 428 -27.16 13.15 -14.12
N ILE A 429 -27.92 12.66 -15.11
CA ILE A 429 -28.05 13.32 -16.43
C ILE A 429 -29.53 13.34 -16.85
N SER A 430 -29.86 14.27 -17.74
CA SER A 430 -31.20 14.37 -18.39
C SER A 430 -31.06 13.92 -19.84
N VAL A 431 -32.10 13.30 -20.38
CA VAL A 431 -32.17 12.83 -21.79
C VAL A 431 -33.50 13.33 -22.37
N LYS A 432 -33.44 14.18 -23.40
CA LYS A 432 -34.65 14.71 -24.07
C LYS A 432 -35.39 13.54 -24.74
N ALA A 433 -36.71 13.64 -24.85
CA ALA A 433 -37.59 12.61 -25.44
C ALA A 433 -37.15 12.32 -26.88
N LYS A 434 -36.85 13.35 -27.66
CA LYS A 434 -36.51 13.25 -29.10
C LYS A 434 -35.11 12.66 -29.28
N ASP A 435 -34.32 12.54 -28.21
CA ASP A 435 -32.89 12.16 -28.29
C ASP A 435 -32.69 10.69 -27.90
N ASN A 436 -33.76 9.94 -27.57
CA ASN A 436 -33.63 8.51 -27.15
C ASN A 436 -34.80 7.68 -27.69
N ILE A 437 -34.59 6.36 -27.76
CA ILE A 437 -35.47 5.34 -28.41
C ILE A 437 -36.81 5.17 -27.66
N ILE A 438 -36.85 5.47 -26.36
CA ILE A 438 -38.10 5.37 -25.54
C ILE A 438 -39.07 6.47 -25.99
N GLY A 439 -38.56 7.59 -26.51
CA GLY A 439 -39.37 8.75 -26.91
C GLY A 439 -39.97 9.51 -25.73
N LYS A 440 -39.36 9.38 -24.53
CA LYS A 440 -39.81 10.07 -23.28
C LYS A 440 -38.59 10.73 -22.61
N ASP A 441 -38.80 11.88 -21.98
CA ASP A 441 -37.81 12.57 -21.12
C ASP A 441 -37.38 11.58 -20.03
N LEU A 442 -36.07 11.38 -19.85
CA LEU A 442 -35.51 10.50 -18.79
C LEU A 442 -34.64 11.36 -17.87
N LEU A 443 -34.58 11.00 -16.60
CA LEU A 443 -33.39 11.26 -15.75
C LEU A 443 -32.68 9.92 -15.53
N LEU A 444 -31.36 9.90 -15.64
CA LEU A 444 -30.53 8.71 -15.33
C LEU A 444 -29.56 9.11 -14.22
N PHE A 445 -29.45 8.25 -13.20
CA PHE A 445 -28.68 8.48 -11.96
C PHE A 445 -27.83 7.23 -11.73
N SER A 446 -26.58 7.38 -11.27
CA SER A 446 -25.72 6.26 -10.86
C SER A 446 -24.97 6.60 -9.57
N ASN A 447 -24.85 5.63 -8.68
CA ASN A 447 -24.05 5.73 -7.43
C ASN A 447 -23.99 4.35 -6.81
N PRO A 448 -23.23 4.16 -5.70
CA PRO A 448 -23.34 2.95 -4.89
C PRO A 448 -24.68 2.98 -4.16
N ASN A 449 -25.58 2.05 -4.52
CA ASN A 449 -26.97 1.94 -4.01
C ASN A 449 -26.96 1.25 -2.64
N THR A 450 -26.47 1.96 -1.61
CA THR A 450 -26.32 1.48 -0.21
C THR A 450 -26.13 2.70 0.70
N THR A 451 -26.36 2.54 2.01
CA THR A 451 -26.13 3.59 3.04
C THR A 451 -24.80 3.38 3.76
N GLU A 452 -24.13 2.23 3.54
CA GLU A 452 -22.82 1.87 4.15
C GLU A 452 -21.91 1.30 3.07
N GLY A 453 -20.65 1.73 3.06
CA GLY A 453 -19.64 1.24 2.11
C GLY A 453 -19.88 1.77 0.71
N ARG A 454 -19.10 1.28 -0.23
CA ARG A 454 -19.22 1.66 -1.67
C ARG A 454 -19.25 0.36 -2.48
N HIS A 455 -20.45 -0.03 -2.87
CA HIS A 455 -20.76 -1.28 -3.62
C HIS A 455 -22.19 -1.15 -4.14
N HIS A 456 -22.62 -2.10 -4.96
CA HIS A 456 -23.95 -2.12 -5.62
C HIS A 456 -24.09 -0.86 -6.49
N ILE A 457 -23.04 -0.55 -7.26
CA ILE A 457 -23.08 0.46 -8.35
C ILE A 457 -24.28 0.13 -9.24
N THR A 458 -25.21 1.05 -9.37
CA THR A 458 -26.55 0.83 -10.00
C THR A 458 -26.89 2.06 -10.85
N ILE A 459 -27.40 1.84 -12.06
CA ILE A 459 -28.04 2.91 -12.87
C ILE A 459 -29.54 2.86 -12.58
N LYS A 460 -30.12 4.01 -12.26
CA LYS A 460 -31.56 4.19 -11.98
C LYS A 460 -32.10 5.17 -13.03
N ALA A 461 -33.32 4.95 -13.50
CA ALA A 461 -34.02 5.83 -14.45
C ALA A 461 -35.33 6.32 -13.83
N SER A 462 -35.68 7.56 -14.12
CA SER A 462 -36.92 8.24 -13.70
C SER A 462 -37.64 8.78 -14.95
N LEU A 463 -38.95 8.51 -15.06
CA LEU A 463 -39.80 8.94 -16.17
C LEU A 463 -40.60 10.19 -15.76
N ASP A 464 -40.54 10.61 -14.48
CA ASP A 464 -41.35 11.73 -13.95
C ASP A 464 -40.44 12.81 -13.35
N GLY A 465 -39.34 13.13 -14.03
CA GLY A 465 -38.42 14.23 -13.68
C GLY A 465 -37.79 14.08 -12.30
N GLY A 466 -37.51 12.84 -11.89
CA GLY A 466 -36.80 12.51 -10.64
C GLY A 466 -37.69 12.59 -9.41
N VAL A 467 -39.02 12.56 -9.55
CA VAL A 467 -39.98 12.47 -8.40
C VAL A 467 -39.96 11.03 -7.89
N THR A 468 -39.94 10.06 -8.80
CA THR A 468 -39.98 8.61 -8.50
C THR A 468 -38.84 7.89 -9.22
N TRP A 469 -38.20 6.94 -8.53
CA TRP A 469 -37.21 5.98 -9.08
C TRP A 469 -37.72 4.57 -8.80
N LEU A 470 -38.53 4.02 -9.70
CA LEU A 470 -39.14 2.68 -9.53
C LEU A 470 -38.05 1.62 -9.56
N PRO A 471 -38.10 0.64 -8.61
CA PRO A 471 -37.11 -0.44 -8.53
C PRO A 471 -36.89 -1.18 -9.84
N ALA A 472 -37.96 -1.40 -10.61
CA ALA A 472 -37.94 -2.11 -11.91
C ALA A 472 -37.06 -1.37 -12.91
N HIS A 473 -36.90 -0.04 -12.80
CA HIS A 473 -36.13 0.82 -13.77
C HIS A 473 -34.69 1.02 -13.30
N GLN A 474 -34.05 -0.07 -12.87
CA GLN A 474 -32.70 -0.04 -12.25
C GLN A 474 -31.90 -1.23 -12.77
N VAL A 475 -30.62 -1.02 -13.06
CA VAL A 475 -29.67 -2.09 -13.44
C VAL A 475 -28.50 -2.07 -12.44
N LEU A 476 -28.33 -3.16 -11.70
CA LEU A 476 -27.15 -3.42 -10.84
C LEU A 476 -26.00 -3.82 -11.76
N LEU A 477 -24.88 -3.08 -11.70
CA LEU A 477 -23.65 -3.37 -12.49
C LEU A 477 -22.54 -4.02 -11.64
N ASP A 478 -22.36 -3.65 -10.37
CA ASP A 478 -21.17 -4.06 -9.58
C ASP A 478 -21.53 -4.20 -8.10
N GLU A 479 -21.75 -5.44 -7.63
CA GLU A 479 -22.23 -5.69 -6.24
C GLU A 479 -21.04 -5.81 -5.28
N GLU A 480 -19.80 -5.67 -5.75
CA GLU A 480 -18.60 -5.80 -4.88
C GLU A 480 -17.94 -4.43 -4.65
N ASP A 481 -16.89 -4.39 -3.83
CA ASP A 481 -16.37 -3.16 -3.18
C ASP A 481 -15.49 -2.38 -4.15
N GLY A 482 -15.69 -1.06 -4.19
CA GLY A 482 -14.86 -0.15 -5.01
C GLY A 482 -14.79 1.21 -4.36
N TRP A 483 -14.19 2.17 -5.07
CA TRP A 483 -14.07 3.56 -4.56
C TRP A 483 -15.35 4.35 -4.90
N GLY A 484 -16.21 3.81 -5.77
CA GLY A 484 -17.64 4.19 -5.83
C GLY A 484 -18.00 5.34 -6.76
N TYR A 485 -17.05 6.17 -7.22
CA TYR A 485 -17.39 7.34 -8.10
C TYR A 485 -17.78 6.84 -9.49
N SER A 486 -18.72 7.55 -10.14
CA SER A 486 -19.29 7.17 -11.46
C SER A 486 -19.69 8.41 -12.26
N CYS A 487 -19.77 8.28 -13.58
CA CYS A 487 -20.27 9.38 -14.46
C CYS A 487 -20.94 8.77 -15.68
N LEU A 488 -22.13 9.27 -16.00
CA LEU A 488 -22.99 8.78 -17.10
C LEU A 488 -22.87 9.72 -18.31
N SER A 489 -22.95 9.17 -19.52
CA SER A 489 -23.17 9.91 -20.78
C SER A 489 -23.94 9.02 -21.75
N MET A 490 -24.99 9.55 -22.39
CA MET A 490 -25.66 8.81 -23.50
C MET A 490 -24.61 8.64 -24.61
N ILE A 491 -24.40 7.40 -25.05
CA ILE A 491 -23.50 7.04 -26.18
C ILE A 491 -24.22 7.39 -27.49
N ASP A 492 -25.48 6.96 -27.62
CA ASP A 492 -26.32 7.13 -28.82
C ASP A 492 -27.78 7.21 -28.35
N ARG A 493 -28.74 7.02 -29.25
CA ARG A 493 -30.18 7.08 -28.95
C ARG A 493 -30.59 5.89 -28.05
N GLU A 494 -29.82 4.80 -28.07
CA GLU A 494 -30.27 3.47 -27.56
C GLU A 494 -29.56 3.06 -26.27
N THR A 495 -28.45 3.71 -25.92
CA THR A 495 -27.48 3.16 -24.94
C THR A 495 -26.91 4.29 -24.08
N VAL A 496 -26.79 4.04 -22.77
CA VAL A 496 -26.10 4.94 -21.83
C VAL A 496 -24.74 4.31 -21.51
N GLY A 497 -23.71 5.15 -21.45
CA GLY A 497 -22.35 4.77 -21.01
C GLY A 497 -22.15 5.19 -19.56
N ILE A 498 -21.45 4.36 -18.79
CA ILE A 498 -21.05 4.66 -17.39
C ILE A 498 -19.54 4.44 -17.30
N PHE A 499 -18.83 5.46 -16.80
CA PHE A 499 -17.37 5.48 -16.55
C PHE A 499 -17.20 5.60 -15.03
N TYR A 500 -16.70 4.55 -14.39
CA TYR A 500 -16.77 4.45 -12.92
C TYR A 500 -15.60 3.65 -12.35
N GLU A 501 -15.40 3.90 -11.06
CA GLU A 501 -14.50 3.15 -10.15
C GLU A 501 -15.29 1.91 -9.72
N SER A 502 -14.81 0.73 -10.11
CA SER A 502 -15.50 -0.57 -9.94
C SER A 502 -14.64 -1.51 -9.09
N SER A 503 -15.17 -2.70 -8.77
CA SER A 503 -14.40 -3.76 -8.08
C SER A 503 -13.36 -4.39 -9.01
N VAL A 504 -13.39 -4.09 -10.33
CA VAL A 504 -12.61 -4.83 -11.37
C VAL A 504 -11.60 -3.92 -12.08
N ALA A 505 -11.70 -2.58 -11.95
CA ALA A 505 -10.69 -1.66 -12.50
C ALA A 505 -10.95 -0.23 -12.01
N HIS A 506 -9.89 0.56 -11.87
CA HIS A 506 -9.94 1.97 -11.37
C HIS A 506 -10.86 2.80 -12.25
N MET A 507 -10.71 2.68 -13.58
CA MET A 507 -11.64 3.31 -14.56
C MET A 507 -12.25 2.20 -15.42
N THR A 508 -13.54 1.96 -15.22
CA THR A 508 -14.34 0.91 -15.90
C THR A 508 -15.37 1.60 -16.79
N PHE A 509 -15.47 1.18 -18.05
CA PHE A 509 -16.55 1.63 -18.95
C PHE A 509 -17.48 0.44 -19.21
N GLN A 510 -18.79 0.69 -19.11
CA GLN A 510 -19.87 -0.24 -19.51
C GLN A 510 -20.92 0.53 -20.32
N ALA A 511 -21.62 -0.18 -21.20
CA ALA A 511 -22.70 0.34 -22.07
C ALA A 511 -23.97 -0.45 -21.75
N VAL A 512 -25.10 0.24 -21.58
CA VAL A 512 -26.38 -0.36 -21.14
C VAL A 512 -27.46 0.17 -22.07
N LYS A 513 -28.25 -0.74 -22.67
CA LYS A 513 -29.43 -0.40 -23.46
C LYS A 513 -30.47 0.26 -22.55
N ILE A 514 -31.02 1.39 -22.98
CA ILE A 514 -32.16 2.10 -22.33
C ILE A 514 -33.32 1.11 -22.12
N LYS A 515 -33.53 0.20 -23.08
CA LYS A 515 -34.60 -0.83 -23.07
C LYS A 515 -34.41 -1.82 -21.92
N ASP A 516 -33.18 -1.98 -21.39
CA ASP A 516 -32.91 -2.80 -20.17
C ASP A 516 -33.33 -2.03 -18.92
N LEU A 517 -33.15 -0.70 -18.92
CA LEU A 517 -33.56 0.18 -17.80
C LEU A 517 -35.08 0.29 -17.76
N ILE A 518 -35.72 0.70 -18.86
CA ILE A 518 -37.19 0.96 -18.95
C ILE A 518 -37.81 -0.08 -19.88
N ARG A 519 -38.48 -1.09 -19.31
CA ARG A 519 -39.09 -2.23 -20.06
C ARG A 519 -40.58 -1.92 -20.32
N ASP B 1 16.09 36.15 8.15
CA ASP B 1 15.40 35.60 9.38
C ASP B 1 16.34 34.57 10.04
N SER B 2 15.79 33.56 10.73
CA SER B 2 16.51 32.48 11.46
C SER B 2 16.29 31.13 10.78
N VAL B 3 17.35 30.32 10.61
CA VAL B 3 17.34 29.03 9.86
C VAL B 3 17.62 27.88 10.83
N TYR B 4 16.91 26.75 10.68
CA TYR B 4 17.03 25.55 11.55
C TYR B 4 17.56 24.38 10.72
N VAL B 5 18.51 23.66 11.30
CA VAL B 5 19.24 22.54 10.64
C VAL B 5 19.12 21.30 11.51
N GLN B 6 18.83 20.17 10.88
CA GLN B 6 18.81 18.83 11.50
C GLN B 6 19.88 18.01 10.79
N ASN B 7 20.75 17.33 11.55
CA ASN B 7 21.65 16.26 11.07
C ASN B 7 21.11 14.94 11.63
N PRO B 8 20.20 14.24 10.91
CA PRO B 8 19.52 13.06 11.43
C PRO B 8 20.44 11.85 11.63
N GLN B 9 20.44 11.28 12.84
CA GLN B 9 21.20 10.02 13.15
C GLN B 9 20.49 8.84 12.48
N ILE B 10 20.63 8.74 11.15
CA ILE B 10 20.17 7.56 10.35
C ILE B 10 21.35 7.08 9.51
N PRO B 11 21.39 5.78 9.13
CA PRO B 11 22.49 5.26 8.33
C PRO B 11 22.58 5.92 6.94
N ILE B 12 23.80 6.29 6.55
CA ILE B 12 24.18 6.63 5.16
C ILE B 12 24.50 5.33 4.42
N LEU B 13 23.62 4.91 3.51
CA LEU B 13 23.78 3.62 2.78
C LEU B 13 24.77 3.83 1.63
N VAL B 14 25.77 2.97 1.53
CA VAL B 14 26.87 3.04 0.50
C VAL B 14 26.28 2.68 -0.87
N ASP B 15 25.15 1.96 -0.91
CA ASP B 15 24.49 1.47 -2.15
C ASP B 15 23.36 2.42 -2.59
N ARG B 16 23.09 3.50 -1.87
CA ARG B 16 22.00 4.45 -2.24
C ARG B 16 22.56 5.57 -3.13
N THR B 17 21.69 6.13 -3.96
CA THR B 17 21.95 7.35 -4.78
C THR B 17 21.84 8.58 -3.88
N ASP B 18 20.82 8.62 -3.00
CA ASP B 18 20.56 9.76 -2.08
C ASP B 18 20.47 9.26 -0.63
N ASN B 19 21.04 10.05 0.29
CA ASN B 19 20.94 9.87 1.76
C ASN B 19 20.77 11.26 2.36
N VAL B 20 19.85 11.41 3.33
CA VAL B 20 19.59 12.73 3.98
C VAL B 20 20.79 13.05 4.87
N LEU B 21 21.60 14.05 4.52
CA LEU B 21 22.74 14.49 5.38
C LEU B 21 22.22 15.56 6.34
N PHE B 22 21.54 16.56 5.79
CA PHE B 22 20.93 17.69 6.52
C PHE B 22 19.51 17.91 6.04
N ARG B 23 18.59 18.17 6.99
CA ARG B 23 17.28 18.77 6.67
C ARG B 23 17.32 20.20 7.20
N ILE B 24 16.73 21.12 6.46
CA ILE B 24 16.74 22.57 6.83
C ILE B 24 15.30 23.08 6.76
N ARG B 25 14.88 23.82 7.77
CA ARG B 25 13.61 24.58 7.80
C ARG B 25 13.93 26.08 7.85
N ILE B 26 13.43 26.83 6.86
CA ILE B 26 13.37 28.32 6.90
C ILE B 26 11.94 28.68 7.27
N PRO B 27 11.67 28.98 8.57
CA PRO B 27 10.31 29.03 9.07
C PRO B 27 9.50 30.27 8.66
N ASP B 28 10.16 31.42 8.47
CA ASP B 28 9.48 32.75 8.38
C ASP B 28 10.00 33.53 7.16
N ALA B 29 10.04 32.88 5.99
CA ALA B 29 10.44 33.49 4.70
C ALA B 29 9.40 34.53 4.26
N THR B 30 9.87 35.64 3.65
CA THR B 30 9.04 36.56 2.85
C THR B 30 9.05 36.05 1.40
N LYS B 31 7.91 36.16 0.70
CA LYS B 31 7.78 35.71 -0.70
C LYS B 31 8.91 36.35 -1.52
N GLY B 32 9.74 35.55 -2.19
CA GLY B 32 10.83 36.01 -3.06
C GLY B 32 12.20 35.84 -2.43
N ASP B 33 12.27 35.58 -1.13
CA ASP B 33 13.56 35.32 -0.40
C ASP B 33 14.28 34.18 -1.13
N VAL B 34 15.60 34.31 -1.29
CA VAL B 34 16.43 33.32 -2.03
C VAL B 34 17.62 32.93 -1.16
N LEU B 35 17.78 31.61 -1.01
CA LEU B 35 18.96 30.94 -0.44
C LEU B 35 20.05 30.97 -1.51
N ASN B 36 20.88 32.03 -1.50
CA ASN B 36 21.94 32.28 -2.52
C ASN B 36 22.99 31.18 -2.40
N ARG B 37 23.40 30.84 -1.17
CA ARG B 37 24.38 29.75 -0.92
C ARG B 37 24.36 29.31 0.54
N LEU B 38 24.59 28.01 0.75
CA LEU B 38 24.95 27.47 2.08
C LEU B 38 26.29 26.74 1.96
N THR B 39 27.07 26.83 3.02
CA THR B 39 28.42 26.21 3.14
C THR B 39 28.31 25.04 4.14
N ILE B 40 28.80 23.87 3.74
CA ILE B 40 29.04 22.68 4.60
C ILE B 40 30.55 22.57 4.84
N ARG B 41 30.95 22.26 6.09
CA ARG B 41 32.34 21.88 6.48
C ARG B 41 32.32 20.43 6.97
N PHE B 42 33.23 19.59 6.48
CA PHE B 42 33.48 18.20 6.96
C PHE B 42 34.67 18.21 7.92
N GLY B 43 34.70 17.29 8.89
CA GLY B 43 35.77 17.14 9.90
C GLY B 43 37.12 16.86 9.26
N ASN B 44 38.20 17.28 9.94
CA ASN B 44 39.61 17.19 9.48
C ASN B 44 39.94 15.76 9.03
N GLU B 45 39.41 14.73 9.71
CA GLU B 45 39.84 13.32 9.55
C GLU B 45 38.89 12.55 8.63
N ASP B 46 37.86 13.21 8.06
CA ASP B 46 36.86 12.56 7.18
C ASP B 46 37.56 12.10 5.88
N LYS B 47 37.17 10.92 5.37
CA LYS B 47 37.72 10.32 4.12
C LYS B 47 36.90 10.80 2.92
N LEU B 48 37.14 12.03 2.46
CA LEU B 48 36.27 12.73 1.48
C LEU B 48 36.42 12.11 0.08
N SER B 49 37.47 11.30 -0.15
CA SER B 49 37.66 10.55 -1.42
C SER B 49 36.55 9.50 -1.59
N GLU B 50 35.86 9.12 -0.51
CA GLU B 50 34.75 8.12 -0.53
C GLU B 50 33.41 8.79 -0.85
N VAL B 51 33.33 10.13 -0.76
CA VAL B 51 32.09 10.91 -1.06
C VAL B 51 32.03 11.15 -2.58
N LYS B 52 31.04 10.52 -3.23
CA LYS B 52 30.83 10.60 -4.71
C LYS B 52 30.22 11.95 -5.07
N ALA B 53 29.19 12.40 -4.35
CA ALA B 53 28.50 13.67 -4.64
C ALA B 53 27.68 14.18 -3.44
N VAL B 54 27.55 15.52 -3.36
CA VAL B 54 26.65 16.24 -2.41
C VAL B 54 25.66 17.06 -3.25
N ARG B 55 24.38 17.06 -2.85
CA ARG B 55 23.26 17.75 -3.57
C ARG B 55 22.44 18.60 -2.60
N LEU B 56 22.02 19.78 -3.06
CA LEU B 56 21.02 20.62 -2.36
C LEU B 56 19.70 20.49 -3.12
N PHE B 57 18.64 20.13 -2.39
CA PHE B 57 17.24 19.96 -2.89
C PHE B 57 16.34 21.02 -2.26
N TYR B 58 15.31 21.44 -3.00
CA TYR B 58 14.14 22.21 -2.48
C TYR B 58 12.93 21.27 -2.45
N ALA B 59 12.17 21.28 -1.35
CA ALA B 59 10.98 20.43 -1.16
C ALA B 59 9.74 21.28 -0.87
N GLY B 60 9.78 22.58 -1.18
CA GLY B 60 8.63 23.49 -1.06
C GLY B 60 8.32 23.86 0.39
N THR B 61 7.05 23.75 0.78
CA THR B 61 6.48 24.37 2.01
C THR B 61 5.77 23.28 2.84
N GLU B 62 5.08 23.71 3.88
CA GLU B 62 4.36 22.82 4.83
C GLU B 62 2.87 23.09 4.70
N ALA B 63 2.03 22.13 5.08
CA ALA B 63 0.57 22.29 5.23
C ALA B 63 0.29 23.26 6.40
N ALA B 64 -0.74 24.09 6.29
CA ALA B 64 -1.12 25.11 7.29
C ALA B 64 -1.43 24.47 8.64
N THR B 65 -1.91 23.22 8.68
CA THR B 65 -2.40 22.57 9.94
C THR B 65 -1.30 21.72 10.59
N LYS B 66 -0.10 21.66 10.04
CA LYS B 66 0.93 20.67 10.48
C LYS B 66 2.02 21.34 11.33
N GLY B 67 1.91 22.61 11.70
CA GLY B 67 2.79 23.23 12.71
C GLY B 67 4.20 23.48 12.19
N ARG B 68 5.06 24.13 12.99
CA ARG B 68 6.25 24.87 12.48
C ARG B 68 7.57 24.23 12.93
N SER B 69 7.56 23.01 13.49
CA SER B 69 8.77 22.36 14.06
C SER B 69 9.17 21.09 13.29
N ARG B 70 8.55 20.78 12.16
CA ARG B 70 8.93 19.60 11.32
C ARG B 70 10.15 20.00 10.48
N PHE B 71 10.90 19.03 9.98
CA PHE B 71 12.12 19.27 9.19
C PHE B 71 11.87 18.89 7.73
N ALA B 72 10.65 18.47 7.40
CA ALA B 72 10.24 17.99 6.06
C ALA B 72 8.73 17.83 5.99
N PRO B 73 8.12 17.99 4.79
CA PRO B 73 6.68 17.72 4.63
C PRO B 73 6.36 16.23 4.36
N VAL B 74 7.39 15.43 4.10
CA VAL B 74 7.24 14.05 3.54
C VAL B 74 8.59 13.33 3.65
N THR B 75 8.55 12.01 3.65
CA THR B 75 9.73 11.14 3.46
C THR B 75 10.39 11.48 2.11
N TYR B 76 11.67 11.85 2.14
CA TYR B 76 12.44 12.28 0.94
C TYR B 76 12.92 11.07 0.14
N VAL B 77 13.48 10.09 0.84
CA VAL B 77 13.96 8.81 0.25
C VAL B 77 13.17 7.68 0.89
N SER B 78 12.31 7.02 0.12
CA SER B 78 11.39 5.95 0.58
C SER B 78 12.16 4.66 0.78
N SER B 79 11.74 3.85 1.77
CA SER B 79 12.22 2.48 2.05
C SER B 79 11.12 1.46 1.72
N HIS B 80 9.99 1.90 1.15
CA HIS B 80 8.80 1.07 0.85
C HIS B 80 8.42 1.10 -0.64
N ASN B 81 8.77 2.16 -1.38
CA ASN B 81 8.37 2.32 -2.81
C ASN B 81 9.15 1.29 -3.64
N ILE B 82 8.49 0.21 -4.06
CA ILE B 82 9.10 -0.92 -4.84
C ILE B 82 9.72 -0.38 -6.15
N ARG B 83 9.25 0.77 -6.65
CA ARG B 83 9.74 1.37 -7.92
C ARG B 83 11.00 2.22 -7.68
N ASN B 84 11.29 2.64 -6.45
CA ASN B 84 12.49 3.46 -6.14
C ASN B 84 12.70 3.61 -4.62
N THR B 85 13.70 2.91 -4.08
CA THR B 85 14.13 3.03 -2.66
C THR B 85 15.53 3.63 -2.57
N ARG B 86 16.14 4.02 -3.70
CA ARG B 86 17.60 4.30 -3.74
C ARG B 86 17.87 5.79 -3.99
N SER B 87 16.94 6.54 -4.59
CA SER B 87 17.09 7.99 -4.89
C SER B 87 15.90 8.76 -4.32
N ALA B 88 16.05 10.08 -4.16
CA ALA B 88 14.96 10.98 -3.72
C ALA B 88 13.80 10.87 -4.71
N ASN B 89 12.57 10.77 -4.22
CA ASN B 89 11.36 10.91 -5.07
C ASN B 89 11.46 12.26 -5.76
N PRO B 90 11.60 12.30 -7.10
CA PRO B 90 11.75 13.56 -7.82
C PRO B 90 10.49 14.43 -7.70
N SER B 91 9.35 13.84 -7.34
CA SER B 91 8.07 14.60 -7.16
C SER B 91 8.04 15.33 -5.79
N TYR B 92 8.95 15.01 -4.85
CA TYR B 92 8.99 15.67 -3.52
C TYR B 92 10.19 16.62 -3.39
N SER B 93 11.21 16.45 -4.23
CA SER B 93 12.50 17.19 -4.10
C SER B 93 13.04 17.56 -5.49
N ILE B 94 13.34 18.85 -5.70
CA ILE B 94 13.94 19.40 -6.95
C ILE B 94 15.40 19.78 -6.68
N ARG B 95 16.34 19.22 -7.43
CA ARG B 95 17.79 19.47 -7.28
C ARG B 95 18.07 20.92 -7.65
N GLN B 96 18.82 21.61 -6.78
CA GLN B 96 19.21 23.03 -6.93
C GLN B 96 20.66 23.12 -7.40
N ASP B 97 21.55 22.37 -6.75
CA ASP B 97 23.01 22.35 -6.98
C ASP B 97 23.53 20.93 -6.75
N GLU B 98 24.75 20.66 -7.20
CA GLU B 98 25.42 19.35 -7.04
C GLU B 98 26.94 19.57 -7.17
N VAL B 99 27.71 19.03 -6.22
CA VAL B 99 29.22 18.96 -6.26
C VAL B 99 29.62 17.48 -6.30
N THR B 100 30.47 17.09 -7.26
CA THR B 100 30.90 15.70 -7.53
C THR B 100 32.37 15.49 -7.13
N THR B 101 33.06 16.55 -6.70
CA THR B 101 34.43 16.50 -6.12
C THR B 101 34.39 17.28 -4.80
N VAL B 102 34.51 16.59 -3.67
CA VAL B 102 34.17 17.15 -2.33
C VAL B 102 35.45 17.54 -1.57
N ALA B 103 35.55 18.82 -1.17
CA ALA B 103 36.60 19.34 -0.27
C ALA B 103 36.02 19.55 1.14
N ASN B 104 36.89 19.91 2.10
CA ASN B 104 36.55 20.09 3.53
C ASN B 104 35.52 21.22 3.69
N THR B 105 35.59 22.25 2.85
CA THR B 105 34.57 23.32 2.67
C THR B 105 33.88 23.12 1.32
N LEU B 106 32.58 23.36 1.28
CA LEU B 106 31.71 23.07 0.12
C LEU B 106 30.59 24.11 0.12
N THR B 107 30.33 24.75 -1.02
CA THR B 107 29.24 25.75 -1.19
C THR B 107 28.22 25.22 -2.18
N LEU B 108 26.94 25.24 -1.80
CA LEU B 108 25.78 24.88 -2.67
C LEU B 108 24.93 26.13 -2.85
N LYS B 109 24.37 26.31 -4.06
CA LYS B 109 23.67 27.53 -4.50
C LYS B 109 22.24 27.17 -4.94
N THR B 110 21.36 28.17 -4.93
CA THR B 110 20.01 28.11 -5.52
C THR B 110 19.67 29.51 -6.03
N ARG B 111 18.69 29.58 -6.93
CA ARG B 111 18.04 30.84 -7.37
C ARG B 111 16.52 30.68 -7.23
N GLN B 112 16.06 29.75 -6.38
CA GLN B 112 14.63 29.47 -6.08
C GLN B 112 14.03 30.58 -5.22
N PRO B 113 13.01 31.33 -5.71
CA PRO B 113 12.30 32.28 -4.85
C PRO B 113 11.43 31.47 -3.85
N MET B 114 11.60 31.75 -2.55
CA MET B 114 10.86 31.07 -1.47
C MET B 114 9.42 31.60 -1.39
N VAL B 115 8.50 30.78 -0.86
CA VAL B 115 7.10 31.19 -0.55
C VAL B 115 7.10 31.83 0.84
N LYS B 116 6.04 32.57 1.16
CA LYS B 116 5.84 33.18 2.50
C LYS B 116 5.68 32.05 3.51
N GLY B 117 6.38 32.14 4.64
CA GLY B 117 6.34 31.14 5.72
C GLY B 117 7.38 30.05 5.53
N ILE B 118 6.99 28.80 5.73
CA ILE B 118 7.93 27.65 5.88
C ILE B 118 8.44 27.23 4.50
N ASN B 119 9.75 27.06 4.39
CA ASN B 119 10.43 26.51 3.18
C ASN B 119 11.40 25.44 3.64
N TYR B 120 11.40 24.33 2.92
CA TYR B 120 12.24 23.14 3.20
C TYR B 120 13.28 22.98 2.10
N PHE B 121 14.54 22.86 2.53
CA PHE B 121 15.63 22.35 1.68
C PHE B 121 16.27 21.17 2.42
N TRP B 122 17.04 20.35 1.71
CA TRP B 122 17.85 19.30 2.35
C TRP B 122 19.08 18.98 1.51
N VAL B 123 20.11 18.47 2.18
CA VAL B 123 21.41 18.07 1.58
C VAL B 123 21.44 16.54 1.51
N SER B 124 21.62 16.00 0.31
CA SER B 124 21.90 14.57 0.06
C SER B 124 23.40 14.36 -0.02
N VAL B 125 23.90 13.29 0.60
CA VAL B 125 25.29 12.77 0.42
C VAL B 125 25.15 11.42 -0.30
N GLU B 126 25.94 11.25 -1.37
CA GLU B 126 26.10 9.98 -2.11
C GLU B 126 27.53 9.48 -1.89
N MET B 127 27.68 8.23 -1.48
CA MET B 127 28.99 7.60 -1.17
C MET B 127 29.39 6.73 -2.35
N ASP B 128 30.70 6.58 -2.59
CA ASP B 128 31.28 5.51 -3.43
C ASP B 128 30.73 4.16 -2.93
N ARG B 129 30.36 3.25 -3.83
CA ARG B 129 29.72 1.94 -3.50
C ARG B 129 30.68 1.09 -2.65
N ASN B 130 31.99 1.37 -2.72
CA ASN B 130 33.06 0.61 -2.02
C ASN B 130 33.54 1.36 -0.77
N THR B 131 32.78 2.36 -0.32
CA THR B 131 33.02 3.10 0.95
C THR B 131 33.11 2.10 2.11
N SER B 132 34.12 2.22 2.96
CA SER B 132 34.25 1.38 4.18
C SER B 132 33.02 1.53 5.08
N LEU B 133 32.37 0.42 5.44
CA LEU B 133 31.26 0.38 6.43
C LEU B 133 31.67 1.02 7.76
N LEU B 134 32.97 1.11 8.07
CA LEU B 134 33.51 1.67 9.34
C LEU B 134 33.82 3.16 9.20
N SER B 135 33.63 3.77 8.03
CA SER B 135 33.86 5.23 7.82
C SER B 135 32.78 6.04 8.51
N LYS B 136 33.11 7.26 8.92
CA LYS B 136 32.19 8.20 9.61
C LYS B 136 32.38 9.61 9.02
N LEU B 137 31.28 10.37 8.90
CA LEU B 137 31.27 11.79 8.47
C LEU B 137 30.85 12.67 9.65
N THR B 138 31.60 13.75 9.88
CA THR B 138 31.29 14.83 10.85
C THR B 138 31.09 16.10 10.03
N SER B 139 29.84 16.39 9.65
N SER B 139 29.84 16.36 9.64
CA SER B 139 29.49 17.52 8.76
CA SER B 139 29.40 17.49 8.78
C SER B 139 28.65 18.56 9.53
C SER B 139 28.74 18.58 9.63
N THR B 140 28.82 19.83 9.18
CA THR B 140 28.13 21.00 9.79
C THR B 140 27.74 21.97 8.65
N VAL B 141 26.53 22.52 8.70
CA VAL B 141 26.18 23.73 7.90
C VAL B 141 26.74 24.94 8.67
N THR B 142 27.75 25.62 8.11
CA THR B 142 28.51 26.69 8.81
C THR B 142 28.01 28.07 8.36
N GLU B 143 27.46 28.18 7.15
CA GLU B 143 26.93 29.47 6.62
C GLU B 143 25.70 29.20 5.75
N VAL B 144 24.69 30.06 5.88
CA VAL B 144 23.48 30.11 5.04
C VAL B 144 23.28 31.59 4.70
N VAL B 145 23.33 31.96 3.43
CA VAL B 145 23.13 33.36 2.95
C VAL B 145 21.76 33.44 2.27
N ILE B 146 20.95 34.40 2.69
CA ILE B 146 19.58 34.68 2.16
C ILE B 146 19.55 36.17 1.82
N ASN B 147 19.23 36.49 0.56
CA ASN B 147 19.20 37.88 0.03
C ASN B 147 20.54 38.55 0.34
N ASP B 148 21.64 37.80 0.21
CA ASP B 148 23.06 38.28 0.29
C ASP B 148 23.41 38.72 1.72
N LYS B 149 22.66 38.27 2.74
CA LYS B 149 22.98 38.46 4.18
C LYS B 149 23.17 37.10 4.80
N PRO B 150 24.22 36.86 5.63
CA PRO B 150 24.30 35.64 6.43
C PRO B 150 23.12 35.59 7.41
N ALA B 151 22.45 34.44 7.52
CA ALA B 151 21.32 34.21 8.45
C ALA B 151 21.82 33.50 9.70
N VAL B 152 21.11 33.67 10.83
CA VAL B 152 21.39 32.98 12.12
C VAL B 152 21.01 31.51 11.97
N ILE B 153 21.97 30.60 12.16
CA ILE B 153 21.76 29.13 12.10
C ILE B 153 21.51 28.62 13.52
N ALA B 154 20.48 27.79 13.70
CA ALA B 154 20.20 27.06 14.97
C ALA B 154 20.04 25.57 14.67
N GLY B 155 20.03 24.75 15.72
CA GLY B 155 19.69 23.32 15.66
C GLY B 155 20.83 22.44 16.11
N GLU B 156 20.50 21.26 16.65
CA GLU B 156 21.45 20.15 16.93
C GLU B 156 21.84 19.52 15.60
N GLN B 157 23.10 19.67 15.18
CA GLN B 157 23.61 19.16 13.88
C GLN B 157 25.02 18.59 14.04
N ALA B 158 25.39 18.17 15.25
CA ALA B 158 26.74 17.72 15.66
C ALA B 158 26.85 16.19 15.55
N ALA B 159 25.83 15.49 15.04
CA ALA B 159 25.80 14.01 14.95
C ALA B 159 27.02 13.51 14.16
N VAL B 160 27.66 12.45 14.66
CA VAL B 160 28.71 11.69 13.92
C VAL B 160 27.98 10.65 13.07
N ARG B 161 27.96 10.84 11.75
CA ARG B 161 27.16 9.98 10.84
C ARG B 161 27.94 8.70 10.54
N ARG B 162 27.23 7.56 10.49
CA ARG B 162 27.80 6.22 10.19
C ARG B 162 27.29 5.75 8.83
N MET B 163 27.99 4.79 8.24
CA MET B 163 27.63 4.12 6.97
C MET B 163 26.82 2.86 7.30
N GLY B 164 26.14 2.34 6.29
CA GLY B 164 25.48 1.03 6.31
C GLY B 164 25.28 0.54 4.89
N ILE B 165 24.69 -0.64 4.72
CA ILE B 165 24.40 -1.18 3.37
C ILE B 165 23.00 -1.78 3.39
N GLY B 166 22.19 -1.37 2.40
CA GLY B 166 20.85 -1.94 2.15
C GLY B 166 20.97 -3.32 1.50
N VAL B 167 21.00 -4.37 2.30
CA VAL B 167 21.16 -5.77 1.80
C VAL B 167 19.89 -6.14 1.01
N ARG B 168 18.71 -5.78 1.53
CA ARG B 168 17.41 -6.01 0.85
C ARG B 168 16.58 -4.72 0.89
N HIS B 169 16.15 -4.25 -0.28
CA HIS B 169 15.22 -3.10 -0.43
C HIS B 169 13.86 -3.63 -0.85
N ALA B 170 12.79 -2.97 -0.43
CA ALA B 170 11.42 -3.18 -0.93
C ALA B 170 11.47 -3.31 -2.46
N GLY B 171 10.91 -4.39 -3.01
CA GLY B 171 10.80 -4.60 -4.47
C GLY B 171 11.93 -5.43 -5.04
N ASP B 172 13.04 -5.65 -4.31
CA ASP B 172 14.18 -6.45 -4.80
C ASP B 172 13.68 -7.85 -5.21
N ASP B 173 14.10 -8.33 -6.39
CA ASP B 173 13.81 -9.69 -6.90
C ASP B 173 12.30 -9.93 -6.92
N GLY B 174 11.52 -8.86 -7.14
CA GLY B 174 10.06 -8.90 -7.32
C GLY B 174 9.28 -8.95 -6.02
N SER B 175 9.95 -9.01 -4.86
CA SER B 175 9.30 -9.17 -3.53
C SER B 175 8.85 -7.81 -3.01
N ALA B 176 7.57 -7.71 -2.62
CA ALA B 176 6.98 -6.47 -2.06
C ALA B 176 7.82 -5.99 -0.87
N SER B 177 8.19 -6.91 0.03
CA SER B 177 8.88 -6.55 1.29
C SER B 177 9.76 -7.70 1.79
N PHE B 178 10.64 -7.36 2.73
CA PHE B 178 11.50 -8.31 3.50
C PHE B 178 11.34 -7.99 4.99
N ARG B 179 11.12 -8.98 5.84
CA ARG B 179 10.98 -8.77 7.31
C ARG B 179 11.65 -9.90 8.09
N ILE B 180 11.90 -9.66 9.38
CA ILE B 180 12.27 -10.64 10.44
C ILE B 180 13.71 -11.09 10.23
N PRO B 181 14.70 -10.22 10.58
CA PRO B 181 16.12 -10.53 10.40
C PRO B 181 16.70 -11.53 11.40
N GLY B 182 17.61 -12.38 10.90
CA GLY B 182 18.49 -13.23 11.72
C GLY B 182 19.90 -13.15 11.17
N LEU B 183 20.92 -13.18 12.04
CA LEU B 183 22.34 -13.00 11.64
C LEU B 183 23.22 -13.92 12.49
N VAL B 184 24.14 -14.63 11.83
CA VAL B 184 25.22 -15.43 12.48
C VAL B 184 26.52 -15.15 11.72
N THR B 185 27.64 -15.44 12.40
CA THR B 185 28.98 -15.50 11.80
C THR B 185 29.39 -16.97 11.84
N THR B 186 29.66 -17.57 10.67
CA THR B 186 30.18 -18.96 10.57
C THR B 186 31.62 -18.97 11.09
N ASN B 187 32.16 -20.17 11.30
CA ASN B 187 33.54 -20.40 11.81
C ASN B 187 34.57 -19.84 10.81
N LYS B 188 34.16 -19.55 9.57
CA LYS B 188 35.02 -19.01 8.48
C LYS B 188 34.97 -17.47 8.44
N GLY B 189 34.17 -16.84 9.31
CA GLY B 189 34.03 -15.37 9.36
C GLY B 189 32.96 -14.89 8.39
N THR B 190 32.23 -15.81 7.77
CA THR B 190 31.14 -15.53 6.79
C THR B 190 29.89 -15.06 7.54
N LEU B 191 29.29 -13.96 7.08
CA LEU B 191 28.03 -13.43 7.66
C LEU B 191 26.87 -14.09 6.91
N LEU B 192 25.92 -14.67 7.64
CA LEU B 192 24.67 -15.22 7.06
C LEU B 192 23.48 -14.48 7.70
N GLY B 193 22.72 -13.74 6.88
CA GLY B 193 21.48 -13.03 7.28
C GLY B 193 20.25 -13.67 6.68
N VAL B 194 19.26 -14.06 7.50
CA VAL B 194 17.97 -14.65 7.03
C VAL B 194 16.85 -13.65 7.23
N TYR B 195 15.73 -13.85 6.52
CA TYR B 195 14.55 -12.95 6.53
C TYR B 195 13.40 -13.61 5.79
N ASP B 196 12.17 -13.25 6.14
CA ASP B 196 10.96 -13.47 5.31
C ASP B 196 11.13 -12.76 3.97
N VAL B 197 10.87 -13.47 2.88
CA VAL B 197 10.60 -12.85 1.56
C VAL B 197 9.07 -12.76 1.44
N ARG B 198 8.51 -11.57 1.66
CA ARG B 198 7.04 -11.35 1.69
C ARG B 198 6.64 -10.77 0.34
N TYR B 199 6.26 -11.66 -0.59
CA TYR B 199 6.17 -11.39 -2.04
C TYR B 199 5.02 -10.42 -2.34
N ASN B 200 3.82 -10.69 -1.78
CA ASN B 200 2.55 -10.01 -2.15
C ASN B 200 2.41 -8.65 -1.44
N ASN B 201 2.99 -8.50 -0.24
CA ASN B 201 2.71 -7.37 0.69
C ASN B 201 3.60 -7.56 1.91
N SER B 202 3.28 -6.95 3.07
CA SER B 202 4.17 -7.02 4.27
C SER B 202 3.51 -7.73 5.45
N VAL B 203 2.34 -8.36 5.28
CA VAL B 203 1.63 -9.03 6.42
C VAL B 203 2.33 -10.36 6.73
N ALA B 204 2.26 -10.81 7.98
CA ALA B 204 2.88 -12.06 8.47
C ALA B 204 2.12 -13.27 7.89
N LEU B 205 2.60 -14.48 8.14
CA LEU B 205 1.87 -15.75 7.84
C LEU B 205 0.43 -15.61 8.33
N GLN B 206 -0.57 -16.15 7.58
CA GLN B 206 -0.41 -16.88 6.34
C GLN B 206 -0.31 -15.92 5.15
N GLU B 207 0.65 -16.16 4.24
CA GLU B 207 0.79 -15.49 2.93
C GLU B 207 1.85 -16.23 2.09
N HIS B 208 2.11 -15.75 0.87
CA HIS B 208 3.20 -16.22 0.00
C HIS B 208 4.51 -15.68 0.58
N ILE B 209 5.15 -16.49 1.42
CA ILE B 209 6.40 -16.10 2.14
C ILE B 209 7.36 -17.29 2.05
N ASP B 210 8.61 -17.02 1.66
CA ASP B 210 9.74 -17.98 1.73
C ASP B 210 10.78 -17.41 2.71
N VAL B 211 11.77 -18.23 3.12
CA VAL B 211 12.93 -17.75 3.93
C VAL B 211 14.09 -17.47 2.98
N GLY B 212 14.49 -16.20 2.83
CA GLY B 212 15.65 -15.78 2.01
C GLY B 212 16.91 -15.76 2.87
N LEU B 213 18.09 -15.81 2.23
CA LEU B 213 19.40 -15.72 2.91
C LEU B 213 20.39 -14.91 2.06
N SER B 214 21.06 -13.95 2.69
CA SER B 214 22.15 -13.11 2.12
C SER B 214 23.46 -13.49 2.80
N ARG B 215 24.53 -13.69 2.01
CA ARG B 215 25.83 -14.22 2.45
C ARG B 215 26.92 -13.19 2.11
N SER B 216 27.82 -12.89 3.07
CA SER B 216 28.98 -11.98 2.87
C SER B 216 30.27 -12.62 3.42
N THR B 217 31.30 -12.71 2.58
CA THR B 217 32.63 -13.26 2.91
C THR B 217 33.63 -12.11 3.13
N ASP B 218 33.16 -10.85 3.18
CA ASP B 218 34.04 -9.65 3.31
C ASP B 218 33.49 -8.68 4.37
N LYS B 219 32.96 -9.22 5.47
CA LYS B 219 32.55 -8.44 6.69
C LYS B 219 31.45 -7.44 6.31
N GLY B 220 30.67 -7.75 5.27
CA GLY B 220 29.43 -7.04 4.91
C GLY B 220 29.59 -5.97 3.83
N GLN B 221 30.79 -5.75 3.28
CA GLN B 221 31.03 -4.77 2.17
C GLN B 221 30.29 -5.21 0.89
N THR B 222 30.15 -6.54 0.70
CA THR B 222 29.45 -7.17 -0.43
C THR B 222 28.58 -8.32 0.07
N TRP B 223 27.44 -8.52 -0.59
CA TRP B 223 26.43 -9.56 -0.25
C TRP B 223 26.08 -10.32 -1.52
N GLU B 224 26.20 -11.65 -1.48
CA GLU B 224 25.94 -12.53 -2.63
C GLU B 224 24.45 -12.51 -2.92
N PRO B 225 24.02 -12.75 -4.18
CA PRO B 225 22.59 -12.72 -4.50
C PRO B 225 21.78 -13.64 -3.56
N MET B 226 20.53 -13.22 -3.30
CA MET B 226 19.58 -13.88 -2.38
C MET B 226 19.44 -15.37 -2.75
N ARG B 227 19.62 -16.23 -1.75
CA ARG B 227 19.30 -17.69 -1.80
C ARG B 227 17.96 -17.89 -1.10
N ILE B 228 17.11 -18.78 -1.62
CA ILE B 228 15.92 -19.30 -0.87
C ILE B 228 16.40 -20.44 0.01
N ALA B 229 16.51 -20.21 1.32
CA ALA B 229 16.89 -21.21 2.33
C ALA B 229 15.74 -22.19 2.58
N MET B 230 14.48 -21.76 2.45
CA MET B 230 13.30 -22.64 2.69
C MET B 230 12.06 -22.09 1.99
N SER B 231 11.26 -23.00 1.43
CA SER B 231 10.11 -22.72 0.53
C SER B 231 9.21 -23.95 0.44
N PHE B 232 7.90 -23.77 0.32
CA PHE B 232 6.93 -24.89 0.21
C PHE B 232 6.07 -24.74 -1.05
N GLY B 233 6.31 -23.70 -1.86
CA GLY B 233 5.64 -23.51 -3.17
C GLY B 233 4.21 -24.03 -3.12
N GLU B 234 3.85 -25.00 -3.97
CA GLU B 234 2.45 -25.50 -4.10
C GLU B 234 2.32 -26.90 -3.50
N THR B 235 2.90 -27.11 -2.31
CA THR B 235 2.79 -28.39 -1.56
C THR B 235 1.31 -28.82 -1.49
N ASP B 236 1.04 -30.08 -1.88
CA ASP B 236 -0.27 -30.79 -1.79
C ASP B 236 -1.31 -30.13 -2.71
N GLY B 237 -0.86 -29.28 -3.64
CA GLY B 237 -1.73 -28.60 -4.63
C GLY B 237 -2.50 -27.45 -4.01
N LEU B 238 -2.07 -26.97 -2.85
CA LEU B 238 -2.61 -25.73 -2.21
C LEU B 238 -1.79 -24.55 -2.74
N PRO B 239 -2.41 -23.36 -2.94
CA PRO B 239 -1.68 -22.21 -3.45
C PRO B 239 -0.43 -21.89 -2.59
N SER B 240 0.60 -21.27 -3.17
CA SER B 240 1.84 -20.83 -2.46
C SER B 240 1.48 -19.77 -1.41
N GLY B 241 0.39 -19.04 -1.64
CA GLY B 241 -0.20 -18.07 -0.69
C GLY B 241 -0.78 -18.74 0.55
N GLN B 242 -1.06 -20.06 0.48
CA GLN B 242 -1.52 -20.88 1.63
C GLN B 242 -0.44 -21.92 1.95
N ASN B 243 0.83 -21.54 1.78
CA ASN B 243 2.01 -22.43 2.01
C ASN B 243 3.21 -21.62 2.48
N GLY B 244 2.97 -20.47 3.12
CA GLY B 244 4.04 -19.57 3.57
C GLY B 244 4.90 -20.24 4.61
N VAL B 245 6.17 -19.85 4.67
CA VAL B 245 7.11 -20.25 5.76
C VAL B 245 7.93 -19.02 6.14
N GLY B 246 8.05 -18.71 7.44
CA GLY B 246 8.71 -17.47 7.87
C GLY B 246 8.95 -17.37 9.37
N ASP B 247 9.19 -16.14 9.82
CA ASP B 247 9.70 -15.75 11.16
C ASP B 247 10.96 -16.54 11.46
N PRO B 248 11.96 -16.57 10.54
CA PRO B 248 13.10 -17.47 10.69
C PRO B 248 14.05 -17.14 11.86
N SER B 249 14.75 -18.17 12.33
CA SER B 249 15.85 -18.11 13.33
C SER B 249 16.98 -18.99 12.79
N ILE B 250 18.22 -18.49 12.87
CA ILE B 250 19.45 -19.14 12.33
C ILE B 250 20.46 -19.28 13.47
N LEU B 251 21.20 -20.39 13.51
CA LEU B 251 22.37 -20.55 14.41
C LEU B 251 23.47 -21.30 13.66
N VAL B 252 24.72 -21.07 14.06
CA VAL B 252 25.89 -21.86 13.60
C VAL B 252 26.23 -22.85 14.73
N ASP B 253 26.29 -24.14 14.39
CA ASP B 253 26.84 -25.20 15.28
C ASP B 253 28.35 -25.00 15.32
N GLU B 254 28.86 -24.32 16.35
CA GLU B 254 30.26 -23.84 16.41
C GLU B 254 31.24 -25.01 16.41
N ARG B 255 30.79 -26.22 16.77
CA ARG B 255 31.65 -27.44 16.79
C ARG B 255 31.89 -27.95 15.36
N THR B 256 30.88 -27.90 14.47
CA THR B 256 30.93 -28.53 13.12
C THR B 256 30.90 -27.46 12.01
N ASN B 257 30.51 -26.23 12.34
CA ASN B 257 30.21 -25.13 11.37
C ASN B 257 28.99 -25.49 10.52
N THR B 258 28.20 -26.48 10.92
CA THR B 258 26.87 -26.73 10.30
C THR B 258 25.95 -25.58 10.72
N VAL B 259 25.30 -24.93 9.75
CA VAL B 259 24.37 -23.79 9.97
C VAL B 259 22.93 -24.34 9.88
N TRP B 260 22.08 -23.97 10.85
CA TRP B 260 20.67 -24.43 10.98
C TRP B 260 19.72 -23.23 10.85
N VAL B 261 18.62 -23.42 10.11
CA VAL B 261 17.51 -22.43 10.03
C VAL B 261 16.21 -23.15 10.38
N VAL B 262 15.50 -22.61 11.39
CA VAL B 262 14.16 -23.07 11.85
C VAL B 262 13.13 -21.97 11.50
N ALA B 263 11.94 -22.39 11.07
CA ALA B 263 10.89 -21.49 10.56
C ALA B 263 9.52 -22.17 10.72
N ALA B 264 8.47 -21.37 10.69
CA ALA B 264 7.06 -21.81 10.86
C ALA B 264 6.44 -21.90 9.47
N TRP B 265 6.02 -23.10 9.08
CA TRP B 265 5.29 -23.36 7.82
C TRP B 265 3.79 -23.44 8.12
N THR B 266 3.02 -22.57 7.47
CA THR B 266 1.55 -22.53 7.60
C THR B 266 0.98 -23.07 6.29
N HIS B 267 0.08 -24.05 6.41
CA HIS B 267 -0.50 -24.85 5.30
C HIS B 267 -2.02 -24.72 5.38
N GLY B 268 -2.64 -24.07 4.39
CA GLY B 268 -4.08 -23.70 4.40
C GLY B 268 -4.29 -22.33 5.04
N MET B 269 -5.29 -22.21 5.93
CA MET B 269 -5.56 -21.03 6.81
C MET B 269 -6.02 -19.81 6.02
N GLY B 270 -6.54 -20.00 4.81
CA GLY B 270 -7.02 -18.89 3.96
C GLY B 270 -5.97 -17.81 3.83
N ASN B 271 -6.39 -16.55 3.96
CA ASN B 271 -5.51 -15.37 3.84
C ASN B 271 -5.61 -14.57 5.14
N ALA B 272 -5.45 -15.26 6.28
CA ALA B 272 -5.58 -14.70 7.65
C ALA B 272 -4.28 -14.93 8.41
N ARG B 273 -4.11 -14.25 9.52
CA ARG B 273 -2.86 -14.27 10.32
C ARG B 273 -2.84 -15.55 11.15
N ALA B 274 -1.72 -16.28 11.12
CA ALA B 274 -1.48 -17.54 11.87
C ALA B 274 -1.60 -17.29 13.37
N TRP B 275 -1.22 -16.10 13.82
CA TRP B 275 -1.21 -15.76 15.27
C TRP B 275 -2.58 -16.03 15.91
N THR B 276 -3.68 -15.75 15.21
CA THR B 276 -5.06 -15.94 15.70
C THR B 276 -5.72 -17.16 15.04
N ASN B 277 -5.15 -17.71 13.97
CA ASN B 277 -5.87 -18.73 13.15
C ASN B 277 -5.17 -20.10 13.19
N SER B 278 -3.92 -20.21 13.65
CA SER B 278 -3.28 -21.53 13.91
C SER B 278 -4.03 -22.19 15.07
N MET B 279 -4.41 -23.47 14.95
CA MET B 279 -5.31 -24.15 15.90
C MET B 279 -4.64 -25.42 16.42
N PRO B 280 -5.08 -25.98 17.58
CA PRO B 280 -4.49 -27.20 18.12
C PRO B 280 -4.45 -28.39 17.15
N GLY B 281 -3.61 -29.39 17.44
CA GLY B 281 -3.37 -30.59 16.62
C GLY B 281 -1.89 -30.79 16.34
N MET B 282 -1.55 -31.57 15.29
CA MET B 282 -0.14 -31.93 14.95
C MET B 282 0.11 -31.89 13.42
N THR B 283 -0.88 -32.22 12.59
CA THR B 283 -0.69 -32.35 11.12
C THR B 283 -0.52 -30.97 10.49
N PRO B 284 0.12 -30.89 9.30
CA PRO B 284 0.16 -29.65 8.53
C PRO B 284 -1.22 -29.01 8.28
N ASP B 285 -2.26 -29.82 8.06
CA ASP B 285 -3.65 -29.33 7.83
C ASP B 285 -4.21 -28.69 9.11
N GLU B 286 -3.70 -29.09 10.28
CA GLU B 286 -4.28 -28.74 11.63
C GLU B 286 -3.62 -27.49 12.22
N THR B 287 -2.29 -27.40 12.16
CA THR B 287 -1.48 -26.42 12.94
C THR B 287 -0.20 -26.05 12.19
N ALA B 288 0.33 -24.85 12.45
CA ALA B 288 1.67 -24.41 12.02
C ALA B 288 2.68 -25.51 12.37
N GLN B 289 3.62 -25.76 11.45
CA GLN B 289 4.64 -26.82 11.55
C GLN B 289 6.02 -26.18 11.77
N LEU B 290 6.82 -26.79 12.64
CA LEU B 290 8.22 -26.35 12.92
C LEU B 290 9.15 -27.06 11.93
N MET B 291 9.75 -26.31 11.00
CA MET B 291 10.58 -26.87 9.89
C MET B 291 12.04 -26.44 10.06
N MET B 292 12.98 -27.32 9.68
CA MET B 292 14.43 -26.98 9.73
C MET B 292 15.13 -27.42 8.44
N VAL B 293 16.06 -26.57 7.99
CA VAL B 293 17.06 -26.87 6.92
C VAL B 293 18.46 -26.68 7.54
N LYS B 294 19.49 -27.19 6.86
CA LYS B 294 20.91 -27.04 7.28
C LYS B 294 21.80 -26.86 6.04
N SER B 295 22.95 -26.21 6.25
CA SER B 295 24.04 -26.00 5.28
C SER B 295 25.32 -26.56 5.90
N THR B 296 26.05 -27.39 5.16
CA THR B 296 27.35 -27.98 5.57
C THR B 296 28.47 -27.29 4.80
N ASP B 297 28.13 -26.28 3.98
CA ASP B 297 29.08 -25.56 3.09
C ASP B 297 29.00 -24.06 3.34
N ASP B 298 28.94 -23.63 4.61
CA ASP B 298 29.13 -22.21 5.01
C ASP B 298 27.99 -21.37 4.40
N GLY B 299 26.80 -21.96 4.24
CA GLY B 299 25.57 -21.26 3.84
C GLY B 299 25.42 -21.10 2.33
N ARG B 300 26.20 -21.84 1.51
CA ARG B 300 26.11 -21.76 0.03
C ARG B 300 24.87 -22.50 -0.46
N THR B 301 24.59 -23.69 0.09
CA THR B 301 23.49 -24.61 -0.35
C THR B 301 22.77 -25.10 0.90
N TRP B 302 21.51 -25.51 0.75
CA TRP B 302 20.59 -25.80 1.89
C TRP B 302 19.90 -27.14 1.70
N SER B 303 19.86 -27.95 2.77
CA SER B 303 19.15 -29.25 2.79
C SER B 303 17.67 -29.03 2.49
N GLU B 304 16.98 -30.07 2.04
CA GLU B 304 15.50 -30.12 2.07
C GLU B 304 15.05 -29.98 3.53
N SER B 305 13.84 -29.52 3.75
CA SER B 305 13.31 -29.25 5.11
C SER B 305 12.97 -30.59 5.80
N THR B 306 13.20 -30.65 7.10
CA THR B 306 12.75 -31.74 8.00
C THR B 306 11.69 -31.12 8.93
N ASN B 307 10.65 -31.90 9.23
CA ASN B 307 9.49 -31.49 10.08
C ASN B 307 9.72 -32.00 11.49
N ILE B 308 9.97 -31.10 12.45
CA ILE B 308 10.36 -31.50 13.85
C ILE B 308 9.20 -31.22 14.81
N THR B 309 8.01 -30.94 14.27
CA THR B 309 6.78 -30.63 15.06
C THR B 309 6.52 -31.76 16.07
N SER B 310 6.48 -33.02 15.62
CA SER B 310 6.13 -34.22 16.43
C SER B 310 7.07 -34.38 17.65
N GLN B 311 8.32 -33.90 17.56
CA GLN B 311 9.32 -34.06 18.65
C GLN B 311 9.03 -33.12 19.83
N VAL B 312 8.46 -31.92 19.59
CA VAL B 312 8.50 -30.82 20.60
C VAL B 312 7.13 -30.16 20.81
N LYS B 313 6.18 -30.26 19.88
CA LYS B 313 4.85 -29.57 20.04
C LYS B 313 3.91 -30.44 20.88
N ASP B 314 3.47 -29.91 22.02
CA ASP B 314 2.25 -30.36 22.74
C ASP B 314 1.07 -30.25 21.78
N PRO B 315 0.28 -31.33 21.59
CA PRO B 315 -0.91 -31.26 20.72
C PRO B 315 -1.93 -30.16 21.07
N SER B 316 -2.03 -29.77 22.34
CA SER B 316 -3.06 -28.83 22.85
C SER B 316 -2.69 -27.37 22.53
N TRP B 317 -1.42 -27.09 22.20
CA TRP B 317 -0.94 -25.73 21.80
C TRP B 317 -1.60 -25.34 20.48
N CYS B 318 -2.04 -24.08 20.37
CA CYS B 318 -2.63 -23.51 19.13
C CYS B 318 -1.50 -23.32 18.10
N PHE B 319 -0.28 -23.05 18.57
CA PHE B 319 0.82 -22.50 17.75
C PHE B 319 2.14 -22.65 18.52
N LEU B 320 3.09 -23.38 17.95
CA LEU B 320 4.50 -23.43 18.40
C LEU B 320 5.38 -22.91 17.28
N LEU B 321 6.33 -22.03 17.59
CA LEU B 321 7.31 -21.55 16.59
C LEU B 321 8.58 -21.07 17.30
N GLN B 322 9.65 -20.97 16.51
CA GLN B 322 10.95 -20.33 16.88
C GLN B 322 10.69 -18.87 17.29
N GLY B 323 11.52 -18.35 18.18
CA GLY B 323 11.71 -16.91 18.36
C GLY B 323 12.58 -16.40 17.22
N PRO B 324 12.10 -15.45 16.40
CA PRO B 324 12.88 -15.00 15.26
C PRO B 324 14.22 -14.39 15.70
N GLY B 325 15.21 -14.46 14.82
CA GLY B 325 16.57 -13.93 15.03
C GLY B 325 17.59 -15.05 14.90
N ARG B 326 18.15 -15.48 16.01
CA ARG B 326 19.21 -16.50 16.04
C ARG B 326 19.09 -17.40 17.27
N GLY B 327 19.74 -18.56 17.19
CA GLY B 327 20.01 -19.47 18.31
C GLY B 327 21.49 -19.41 18.66
N ILE B 328 21.95 -20.28 19.56
CA ILE B 328 23.38 -20.30 20.00
C ILE B 328 23.91 -21.73 20.01
N THR B 329 25.24 -21.85 20.05
CA THR B 329 25.99 -23.02 20.58
C THR B 329 26.48 -22.64 21.98
N MET B 330 26.22 -23.49 22.98
CA MET B 330 26.75 -23.33 24.35
C MET B 330 28.20 -23.85 24.38
N ARG B 331 28.97 -23.50 25.41
CA ARG B 331 30.37 -23.98 25.62
C ARG B 331 30.43 -25.52 25.59
N ASP B 332 29.38 -26.20 26.09
CA ASP B 332 29.31 -27.69 26.17
C ASP B 332 28.76 -28.28 24.86
N GLY B 333 28.52 -27.47 23.83
CA GLY B 333 28.17 -27.91 22.47
C GLY B 333 26.68 -28.08 22.23
N THR B 334 25.84 -27.79 23.23
CA THR B 334 24.36 -27.82 23.10
C THR B 334 23.93 -26.70 22.14
N LEU B 335 23.10 -27.03 21.15
CA LEU B 335 22.45 -26.06 20.22
C LEU B 335 21.14 -25.61 20.87
N VAL B 336 20.92 -24.29 20.95
CA VAL B 336 19.73 -23.69 21.63
C VAL B 336 19.07 -22.65 20.70
N PHE B 337 17.80 -22.90 20.33
CA PHE B 337 16.88 -21.97 19.61
C PHE B 337 15.81 -21.49 20.58
N PRO B 338 15.65 -20.17 20.78
CA PRO B 338 14.49 -19.65 21.49
C PRO B 338 13.22 -20.08 20.74
N ILE B 339 12.16 -20.37 21.51
CA ILE B 339 10.83 -20.77 21.01
C ILE B 339 9.75 -19.98 21.77
N GLN B 340 8.52 -20.09 21.28
CA GLN B 340 7.31 -19.48 21.88
C GLN B 340 6.14 -20.37 21.50
N PHE B 341 5.19 -20.57 22.40
CA PHE B 341 3.95 -21.32 22.09
C PHE B 341 2.74 -20.56 22.65
N ILE B 342 1.65 -20.65 21.90
CA ILE B 342 0.28 -20.23 22.31
C ILE B 342 -0.41 -21.48 22.85
N ASP B 343 -0.83 -21.44 24.11
CA ASP B 343 -1.42 -22.62 24.81
C ASP B 343 -2.91 -22.70 24.44
N SER B 344 -3.62 -23.70 24.96
CA SER B 344 -5.04 -24.01 24.62
C SER B 344 -5.94 -22.80 24.90
N LEU B 345 -5.55 -21.93 25.83
CA LEU B 345 -6.34 -20.74 26.27
C LEU B 345 -5.86 -19.47 25.56
N ARG B 346 -5.03 -19.60 24.52
CA ARG B 346 -4.52 -18.49 23.67
C ARG B 346 -3.57 -17.59 24.47
N VAL B 347 -2.88 -18.14 25.49
CA VAL B 347 -1.86 -17.38 26.26
C VAL B 347 -0.49 -17.71 25.68
N PRO B 348 0.27 -16.73 25.17
CA PRO B 348 1.61 -16.99 24.66
C PRO B 348 2.66 -17.10 25.78
N HIS B 349 3.64 -17.99 25.62
CA HIS B 349 4.77 -18.20 26.55
C HIS B 349 6.06 -18.30 25.74
N ALA B 350 7.12 -17.63 26.18
CA ALA B 350 8.48 -17.80 25.63
C ALA B 350 9.17 -18.96 26.38
N GLY B 351 10.06 -19.66 25.69
CA GLY B 351 10.93 -20.69 26.30
C GLY B 351 12.12 -20.98 25.41
N ILE B 352 12.77 -22.12 25.61
CA ILE B 352 13.90 -22.57 24.73
C ILE B 352 13.70 -24.01 24.30
N MET B 353 14.24 -24.32 23.12
CA MET B 353 14.34 -25.66 22.51
C MET B 353 15.83 -25.91 22.29
N TYR B 354 16.32 -27.10 22.63
CA TYR B 354 17.77 -27.42 22.57
C TYR B 354 17.98 -28.81 21.98
N SER B 355 19.14 -28.99 21.37
CA SER B 355 19.68 -30.28 20.89
C SER B 355 21.05 -30.51 21.54
N LYS B 356 21.28 -31.71 22.06
CA LYS B 356 22.57 -32.13 22.67
C LYS B 356 23.34 -33.04 21.69
N ASP B 357 22.76 -33.32 20.51
CA ASP B 357 23.25 -34.36 19.57
C ASP B 357 23.41 -33.78 18.15
N ARG B 358 23.90 -32.54 18.04
CA ARG B 358 24.28 -31.87 16.75
C ARG B 358 23.04 -31.52 15.92
N GLY B 359 21.84 -31.53 16.50
CA GLY B 359 20.57 -31.14 15.84
C GLY B 359 19.78 -32.36 15.34
N GLU B 360 20.14 -33.55 15.82
CA GLU B 360 19.44 -34.81 15.48
C GLU B 360 18.05 -34.81 16.13
N THR B 361 17.98 -34.48 17.43
CA THR B 361 16.71 -34.45 18.21
C THR B 361 16.63 -33.16 19.02
N TRP B 362 15.41 -32.66 19.23
CA TRP B 362 15.12 -31.37 19.94
C TRP B 362 14.14 -31.62 21.08
N HIS B 363 14.28 -30.85 22.15
CA HIS B 363 13.47 -30.94 23.38
C HIS B 363 13.06 -29.54 23.84
N ILE B 364 11.82 -29.41 24.30
CA ILE B 364 11.31 -28.24 25.05
C ILE B 364 10.78 -28.74 26.39
N HIS B 365 11.18 -28.07 27.47
CA HIS B 365 10.69 -28.33 28.85
C HIS B 365 9.63 -27.26 29.18
N GLN B 366 9.89 -26.35 30.11
CA GLN B 366 8.85 -25.49 30.75
C GLN B 366 8.93 -24.07 30.21
N PRO B 367 7.80 -23.33 30.14
CA PRO B 367 7.83 -21.93 29.72
C PRO B 367 8.54 -21.08 30.77
N ALA B 368 9.19 -19.98 30.35
CA ALA B 368 9.92 -19.04 31.23
C ALA B 368 8.95 -18.09 31.94
N ARG B 369 7.93 -17.58 31.24
CA ARG B 369 7.05 -16.48 31.75
C ARG B 369 5.77 -16.42 30.91
N THR B 370 4.64 -16.16 31.57
CA THR B 370 3.31 -16.02 30.92
C THR B 370 3.24 -14.71 30.10
N ASN B 371 2.50 -14.72 29.00
CA ASN B 371 2.17 -13.52 28.18
C ASN B 371 3.47 -12.90 27.64
N THR B 372 4.41 -13.74 27.20
CA THR B 372 5.64 -13.36 26.48
C THR B 372 5.61 -14.08 25.12
N THR B 373 6.36 -13.57 24.14
CA THR B 373 6.37 -14.10 22.76
C THR B 373 7.82 -14.26 22.33
N GLU B 374 8.29 -13.34 21.50
CA GLU B 374 9.61 -13.43 20.84
C GLU B 374 10.68 -13.21 21.90
N ALA B 375 11.70 -14.06 21.89
CA ALA B 375 12.82 -14.03 22.86
C ALA B 375 14.11 -14.40 22.12
N GLN B 376 15.24 -13.96 22.69
CA GLN B 376 16.60 -14.37 22.28
C GLN B 376 17.34 -14.81 23.53
N VAL B 377 18.25 -15.75 23.38
CA VAL B 377 18.94 -16.43 24.51
C VAL B 377 20.46 -16.23 24.35
N ALA B 378 21.15 -16.05 25.47
CA ALA B 378 22.62 -15.94 25.54
C ALA B 378 23.12 -16.80 26.71
N GLU B 379 24.28 -17.43 26.53
CA GLU B 379 25.00 -18.13 27.62
C GLU B 379 25.84 -17.08 28.35
N VAL B 380 25.29 -16.47 29.39
CA VAL B 380 25.86 -15.27 30.08
C VAL B 380 27.05 -15.71 30.94
N GLU B 381 27.01 -16.92 31.48
CA GLU B 381 28.16 -17.60 32.14
C GLU B 381 27.99 -19.11 31.94
N PRO B 382 29.04 -19.93 32.21
CA PRO B 382 29.01 -21.35 31.86
C PRO B 382 27.79 -22.10 32.41
N GLY B 383 26.98 -22.68 31.52
CA GLY B 383 25.81 -23.52 31.85
C GLY B 383 24.61 -22.69 32.28
N VAL B 384 24.67 -21.36 32.10
CA VAL B 384 23.66 -20.38 32.60
C VAL B 384 23.08 -19.62 31.42
N LEU B 385 21.81 -19.89 31.09
CA LEU B 385 21.10 -19.30 29.92
C LEU B 385 20.20 -18.15 30.36
N MET B 386 20.40 -16.97 29.76
CA MET B 386 19.56 -15.76 29.95
C MET B 386 18.57 -15.66 28.79
N LEU B 387 17.27 -15.75 29.08
CA LEU B 387 16.19 -15.53 28.08
C LEU B 387 15.64 -14.10 28.23
N ASN B 388 15.73 -13.34 27.14
CA ASN B 388 15.30 -11.91 27.05
C ASN B 388 14.07 -11.86 26.15
N MET B 389 12.94 -11.40 26.68
CA MET B 389 11.58 -11.70 26.15
C MET B 389 10.80 -10.41 25.84
N ARG B 390 10.17 -10.37 24.67
CA ARG B 390 9.02 -9.48 24.34
C ARG B 390 7.86 -9.77 25.31
N ASP B 391 7.36 -8.75 26.01
CA ASP B 391 6.35 -8.89 27.10
C ASP B 391 5.12 -8.06 26.74
N ASN B 392 3.94 -8.70 26.70
CA ASN B 392 2.69 -8.09 26.22
C ASN B 392 2.17 -7.06 27.24
N ARG B 393 2.77 -6.98 28.43
CA ARG B 393 2.40 -5.98 29.47
C ARG B 393 2.89 -4.59 29.05
N GLY B 394 3.91 -4.53 28.18
CA GLY B 394 4.46 -3.30 27.59
C GLY B 394 5.53 -2.67 28.46
N GLY B 395 6.35 -1.80 27.88
CA GLY B 395 7.26 -0.90 28.61
C GLY B 395 8.67 -1.45 28.77
N SER B 396 8.86 -2.75 28.93
CA SER B 396 10.18 -3.28 29.35
C SER B 396 10.33 -4.78 29.06
N ARG B 397 11.56 -5.18 28.72
CA ARG B 397 11.90 -6.60 28.43
C ARG B 397 11.80 -7.42 29.72
N ALA B 398 11.22 -8.62 29.64
CA ALA B 398 11.29 -9.66 30.69
C ALA B 398 12.62 -10.41 30.55
N VAL B 399 13.25 -10.75 31.68
CA VAL B 399 14.58 -11.45 31.69
C VAL B 399 14.53 -12.56 32.74
N SER B 400 14.77 -13.79 32.30
CA SER B 400 14.77 -15.01 33.16
C SER B 400 16.09 -15.76 32.93
N ILE B 401 16.47 -16.59 33.90
CA ILE B 401 17.68 -17.46 33.89
C ILE B 401 17.20 -18.91 34.04
N THR B 402 17.77 -19.83 33.27
CA THR B 402 17.69 -21.30 33.50
C THR B 402 19.13 -21.84 33.55
N ARG B 403 19.40 -22.79 34.45
CA ARG B 403 20.69 -23.52 34.52
C ARG B 403 20.46 -24.99 34.15
N ASP B 404 19.24 -25.34 33.72
CA ASP B 404 18.82 -26.73 33.42
C ASP B 404 18.03 -26.77 32.11
N LEU B 405 18.37 -25.88 31.17
CA LEU B 405 17.84 -25.86 29.78
C LEU B 405 16.31 -25.75 29.79
N GLY B 406 15.74 -25.09 30.80
CA GLY B 406 14.32 -24.66 30.85
C GLY B 406 13.41 -25.60 31.62
N LYS B 407 13.97 -26.58 32.34
CA LYS B 407 13.17 -27.41 33.28
C LYS B 407 12.63 -26.47 34.37
N SER B 408 13.47 -25.54 34.84
CA SER B 408 13.13 -24.50 35.85
C SER B 408 13.69 -23.14 35.42
N TRP B 409 13.11 -22.06 35.94
CA TRP B 409 13.44 -20.66 35.58
C TRP B 409 13.47 -19.78 36.84
N THR B 410 14.39 -18.83 36.88
CA THR B 410 14.50 -17.79 37.93
C THR B 410 14.44 -16.41 37.26
N GLU B 411 13.69 -15.48 37.86
CA GLU B 411 13.66 -14.05 37.45
C GLU B 411 15.07 -13.47 37.59
N HIS B 412 15.52 -12.71 36.60
CA HIS B 412 16.78 -11.92 36.67
C HIS B 412 16.47 -10.56 37.33
N SER B 413 17.45 -9.97 38.01
CA SER B 413 17.37 -8.62 38.64
C SER B 413 16.93 -7.56 37.62
N SER B 414 17.32 -7.72 36.35
CA SER B 414 17.09 -6.73 35.26
C SER B 414 15.68 -6.90 34.67
N ASN B 415 14.96 -7.94 35.09
CA ASN B 415 13.57 -8.23 34.64
C ASN B 415 12.71 -6.98 34.77
N ARG B 416 12.02 -6.61 33.69
CA ARG B 416 10.92 -5.63 33.68
C ARG B 416 11.40 -4.34 34.34
N SER B 417 12.63 -3.90 34.04
CA SER B 417 13.27 -2.72 34.66
C SER B 417 14.33 -2.11 33.74
N ALA B 418 15.39 -2.86 33.45
CA ALA B 418 16.66 -2.33 32.87
C ALA B 418 16.53 -1.99 31.38
N LEU B 419 15.68 -2.67 30.61
CA LEU B 419 15.64 -2.53 29.12
C LEU B 419 14.25 -2.11 28.64
N PRO B 420 14.04 -0.81 28.35
CA PRO B 420 12.80 -0.35 27.74
C PRO B 420 12.46 -1.03 26.39
N GLU B 421 11.18 -1.33 26.16
CA GLU B 421 10.68 -1.75 24.82
C GLU B 421 9.24 -1.27 24.62
N SER B 422 8.74 -1.40 23.40
CA SER B 422 7.38 -1.00 22.95
C SER B 422 6.59 -2.24 22.52
N ILE B 423 7.05 -3.42 22.95
CA ILE B 423 6.54 -4.76 22.53
C ILE B 423 7.01 -5.01 21.09
N CYS B 424 8.25 -5.45 20.98
CA CYS B 424 9.00 -5.61 19.70
C CYS B 424 10.10 -6.65 19.91
N MET B 425 10.52 -7.31 18.84
CA MET B 425 11.65 -8.27 18.86
C MET B 425 12.89 -7.50 19.33
N ALA B 426 13.77 -8.14 20.10
CA ALA B 426 15.08 -7.58 20.48
C ALA B 426 16.13 -8.68 20.31
N SER B 427 17.37 -8.28 19.98
CA SER B 427 18.55 -9.16 19.88
C SER B 427 19.37 -9.04 21.17
N LEU B 428 19.82 -10.17 21.69
CA LEU B 428 20.79 -10.29 22.80
C LEU B 428 21.82 -11.36 22.40
N ILE B 429 23.11 -11.06 22.53
CA ILE B 429 24.19 -12.06 22.34
C ILE B 429 25.21 -11.91 23.48
N SER B 430 25.98 -12.96 23.71
CA SER B 430 27.14 -12.99 24.63
C SER B 430 28.42 -13.02 23.78
N VAL B 431 29.48 -12.42 24.31
CA VAL B 431 30.82 -12.39 23.68
C VAL B 431 31.83 -12.78 24.77
N LYS B 432 32.52 -13.90 24.59
CA LYS B 432 33.55 -14.40 25.54
C LYS B 432 34.70 -13.38 25.59
N ALA B 433 35.36 -13.27 26.74
CA ALA B 433 36.47 -12.32 26.99
C ALA B 433 37.60 -12.55 25.97
N LYS B 434 37.93 -13.81 25.69
CA LYS B 434 39.05 -14.21 24.78
C LYS B 434 38.68 -13.93 23.32
N ASP B 435 37.40 -13.65 23.02
CA ASP B 435 36.88 -13.55 21.64
C ASP B 435 36.72 -12.09 21.21
N ASN B 436 37.10 -11.11 22.05
CA ASN B 436 36.98 -9.67 21.70
C ASN B 436 38.13 -8.86 22.29
N ILE B 437 38.36 -7.67 21.72
CA ILE B 437 39.54 -6.77 21.96
C ILE B 437 39.46 -6.12 23.34
N ILE B 438 38.27 -6.00 23.93
CA ILE B 438 38.09 -5.44 25.31
C ILE B 438 38.70 -6.43 26.32
N GLY B 439 38.71 -7.72 26.00
CA GLY B 439 39.24 -8.79 26.88
C GLY B 439 38.35 -9.06 28.07
N LYS B 440 37.05 -8.72 27.98
CA LYS B 440 36.03 -8.91 29.05
C LYS B 440 34.78 -9.55 28.44
N ASP B 441 34.09 -10.41 29.19
CA ASP B 441 32.76 -10.96 28.82
C ASP B 441 31.82 -9.77 28.58
N LEU B 442 31.13 -9.75 27.44
CA LEU B 442 30.13 -8.71 27.10
C LEU B 442 28.76 -9.40 26.94
N LEU B 443 27.69 -8.68 27.28
CA LEU B 443 26.37 -8.87 26.64
C LEU B 443 26.13 -7.68 25.70
N LEU B 444 25.65 -7.97 24.49
CA LEU B 444 25.23 -6.92 23.52
C LEU B 444 23.75 -7.14 23.23
N PHE B 445 22.99 -6.05 23.24
CA PHE B 445 21.52 -6.03 23.11
C PHE B 445 21.18 -4.96 22.07
N SER B 446 20.21 -5.24 21.22
CA SER B 446 19.68 -4.23 20.27
C SER B 446 18.16 -4.32 20.21
N ASN B 447 17.53 -3.15 20.13
CA ASN B 447 16.06 -3.05 19.96
C ASN B 447 15.74 -1.58 19.72
N PRO B 448 14.48 -1.24 19.42
CA PRO B 448 14.05 0.16 19.43
C PRO B 448 13.99 0.62 20.88
N ASN B 449 14.87 1.57 21.22
CA ASN B 449 15.08 2.10 22.58
C ASN B 449 14.00 3.14 22.92
N THR B 450 12.76 2.68 23.08
CA THR B 450 11.55 3.52 23.31
C THR B 450 10.44 2.62 23.86
N THR B 451 9.46 3.22 24.53
CA THR B 451 8.26 2.50 25.07
C THR B 451 7.06 2.68 24.14
N GLU B 452 7.18 3.55 23.12
CA GLU B 452 6.12 3.77 22.09
C GLU B 452 6.76 3.74 20.70
N GLY B 453 6.15 3.02 19.77
CA GLY B 453 6.55 2.97 18.36
C GLY B 453 7.83 2.17 18.18
N ARG B 454 8.42 2.25 16.99
CA ARG B 454 9.66 1.50 16.64
C ARG B 454 10.60 2.47 15.96
N HIS B 455 11.56 2.94 16.72
CA HIS B 455 12.56 3.97 16.32
C HIS B 455 13.67 3.95 17.37
N HIS B 456 14.74 4.72 17.15
CA HIS B 456 15.92 4.81 18.04
C HIS B 456 16.52 3.41 18.22
N ILE B 457 16.70 2.70 17.11
CA ILE B 457 17.45 1.41 17.08
C ILE B 457 18.83 1.69 17.67
N THR B 458 19.16 0.99 18.75
CA THR B 458 20.34 1.26 19.60
C THR B 458 21.00 -0.07 19.95
N ILE B 459 22.33 -0.14 19.83
CA ILE B 459 23.11 -1.26 20.43
C ILE B 459 23.54 -0.83 21.83
N LYS B 460 23.32 -1.69 22.82
CA LYS B 460 23.70 -1.49 24.24
C LYS B 460 24.64 -2.63 24.64
N ALA B 461 25.62 -2.32 25.50
CA ALA B 461 26.59 -3.30 26.04
C ALA B 461 26.51 -3.32 27.56
N SER B 462 26.68 -4.51 28.15
CA SER B 462 26.75 -4.77 29.62
C SER B 462 28.04 -5.54 29.92
N LEU B 463 28.77 -5.11 30.96
CA LEU B 463 30.03 -5.72 31.45
C LEU B 463 29.76 -6.64 32.64
N ASP B 464 28.54 -6.63 33.20
CA ASP B 464 28.21 -7.33 34.47
C ASP B 464 27.04 -8.31 34.26
N GLY B 465 27.08 -9.06 33.15
CA GLY B 465 26.12 -10.14 32.85
C GLY B 465 24.68 -9.63 32.71
N GLY B 466 24.48 -8.41 32.22
CA GLY B 466 23.16 -7.82 31.95
C GLY B 466 22.43 -7.36 33.22
N VAL B 467 23.16 -7.11 34.31
CA VAL B 467 22.59 -6.47 35.55
C VAL B 467 22.43 -4.98 35.27
N THR B 468 23.44 -4.38 34.64
CA THR B 468 23.52 -2.93 34.36
C THR B 468 23.79 -2.71 32.88
N TRP B 469 23.09 -1.72 32.29
CA TRP B 469 23.31 -1.22 30.91
C TRP B 469 23.60 0.28 31.01
N LEU B 470 24.86 0.67 31.21
CA LEU B 470 25.24 2.09 31.37
C LEU B 470 24.96 2.85 30.07
N PRO B 471 24.33 4.04 30.17
CA PRO B 471 24.02 4.87 29.00
C PRO B 471 25.22 5.14 28.10
N ALA B 472 26.40 5.34 28.69
CA ALA B 472 27.69 5.57 28.02
C ALA B 472 28.03 4.43 27.03
N HIS B 473 27.59 3.19 27.30
CA HIS B 473 27.91 1.97 26.49
C HIS B 473 26.81 1.66 25.48
N GLN B 474 26.35 2.69 24.77
CA GLN B 474 25.20 2.61 23.83
C GLN B 474 25.52 3.41 22.57
N VAL B 475 25.18 2.87 21.40
CA VAL B 475 25.28 3.61 20.11
C VAL B 475 23.89 3.65 19.46
N LEU B 476 23.40 4.86 19.23
CA LEU B 476 22.16 5.13 18.45
C LEU B 476 22.52 5.00 16.98
N LEU B 477 21.83 4.11 16.25
CA LEU B 477 22.02 3.89 14.79
C LEU B 477 20.89 4.53 13.97
N ASP B 478 19.64 4.54 14.41
CA ASP B 478 18.49 4.92 13.54
C ASP B 478 17.39 5.60 14.38
N GLU B 479 17.31 6.93 14.37
CA GLU B 479 16.36 7.68 15.23
C GLU B 479 15.00 7.85 14.54
N GLU B 480 14.84 7.33 13.32
CA GLU B 480 13.55 7.46 12.56
C GLU B 480 12.81 6.11 12.55
N ASP B 481 11.61 6.10 11.99
CA ASP B 481 10.60 5.02 12.17
C ASP B 481 10.93 3.85 11.24
N GLY B 482 10.81 2.63 11.77
CA GLY B 482 10.96 1.40 10.99
C GLY B 482 10.11 0.28 11.56
N TRP B 483 10.28 -0.95 11.08
CA TRP B 483 9.55 -2.12 11.59
C TRP B 483 10.25 -2.71 12.82
N GLY B 484 11.47 -2.28 13.12
CA GLY B 484 12.06 -2.40 14.47
C GLY B 484 12.84 -3.68 14.77
N TYR B 485 12.69 -4.78 14.02
CA TYR B 485 13.38 -6.06 14.35
C TYR B 485 14.87 -5.93 14.01
N SER B 486 15.72 -6.61 14.80
CA SER B 486 17.19 -6.53 14.68
C SER B 486 17.83 -7.86 15.09
N CYS B 487 19.04 -8.13 14.61
CA CYS B 487 19.83 -9.30 15.07
C CYS B 487 21.31 -8.95 15.02
N LEU B 488 22.03 -9.29 16.10
CA LEU B 488 23.46 -8.99 16.29
C LEU B 488 24.29 -10.25 16.02
N SER B 489 25.49 -10.06 15.47
CA SER B 489 26.57 -11.09 15.41
C SER B 489 27.91 -10.38 15.43
N MET B 490 28.85 -10.84 16.25
CA MET B 490 30.25 -10.36 16.17
C MET B 490 30.79 -10.75 14.78
N ILE B 491 31.34 -9.77 14.06
CA ILE B 491 32.00 -9.96 12.74
C ILE B 491 33.39 -10.55 12.98
N ASP B 492 34.15 -9.93 13.91
CA ASP B 492 35.53 -10.31 14.25
C ASP B 492 35.76 -9.93 15.73
N ARG B 493 37.01 -9.86 16.17
CA ARG B 493 37.34 -9.55 17.59
C ARG B 493 36.99 -8.09 17.91
N GLU B 494 36.88 -7.22 16.91
CA GLU B 494 36.92 -5.74 17.08
C GLU B 494 35.56 -5.10 16.78
N THR B 495 34.63 -5.80 16.14
CA THR B 495 33.44 -5.18 15.49
C THR B 495 32.20 -6.07 15.63
N VAL B 496 31.04 -5.46 15.92
CA VAL B 496 29.74 -6.16 15.97
C VAL B 496 28.96 -5.77 14.71
N GLY B 497 28.29 -6.75 14.11
CA GLY B 497 27.35 -6.54 13.00
C GLY B 497 25.92 -6.50 13.52
N ILE B 498 25.10 -5.61 12.95
CA ILE B 498 23.64 -5.57 13.19
C ILE B 498 22.92 -5.66 11.84
N PHE B 499 22.01 -6.62 11.73
CA PHE B 499 21.13 -6.87 10.55
C PHE B 499 19.70 -6.54 11.01
N TYR B 500 19.13 -5.45 10.52
CA TYR B 500 17.88 -4.91 11.11
C TYR B 500 17.00 -4.23 10.06
N GLU B 501 15.73 -4.12 10.44
CA GLU B 501 14.68 -3.32 9.76
C GLU B 501 14.86 -1.88 10.21
N SER B 502 15.24 -1.00 9.28
CA SER B 502 15.62 0.42 9.55
C SER B 502 14.66 1.38 8.82
N SER B 503 14.84 2.68 9.06
CA SER B 503 14.12 3.75 8.33
C SER B 503 14.65 3.87 6.90
N VAL B 504 15.74 3.18 6.54
CA VAL B 504 16.47 3.39 5.26
C VAL B 504 16.46 2.14 4.35
N ALA B 505 16.11 0.95 4.86
CA ALA B 505 15.98 -0.27 4.04
C ALA B 505 15.40 -1.42 4.87
N HIS B 506 14.65 -2.33 4.26
CA HIS B 506 13.96 -3.46 4.95
C HIS B 506 14.99 -4.34 5.68
N MET B 507 16.10 -4.66 5.02
CA MET B 507 17.24 -5.35 5.64
C MET B 507 18.49 -4.47 5.52
N THR B 508 18.92 -3.93 6.66
CA THR B 508 20.06 -2.98 6.76
C THR B 508 21.17 -3.67 7.52
N PHE B 509 22.39 -3.65 6.99
CA PHE B 509 23.59 -4.11 7.74
C PHE B 509 24.43 -2.88 8.07
N GLN B 510 24.88 -2.85 9.33
CA GLN B 510 25.90 -1.89 9.83
C GLN B 510 26.91 -2.66 10.67
N ALA B 511 28.13 -2.15 10.69
CA ALA B 511 29.28 -2.67 11.46
C ALA B 511 29.71 -1.58 12.43
N VAL B 512 29.90 -1.93 13.70
CA VAL B 512 30.22 -0.98 14.80
C VAL B 512 31.43 -1.54 15.54
N LYS B 513 32.45 -0.71 15.72
CA LYS B 513 33.64 -1.04 16.56
C LYS B 513 33.16 -1.17 18.01
N ILE B 514 33.57 -2.25 18.69
CA ILE B 514 33.37 -2.48 20.16
C ILE B 514 33.91 -1.26 20.93
N LYS B 515 35.00 -0.66 20.47
CA LYS B 515 35.67 0.51 21.11
C LYS B 515 34.77 1.75 21.07
N ASP B 516 33.79 1.82 20.16
CA ASP B 516 32.76 2.89 20.12
C ASP B 516 31.68 2.61 21.18
N LEU B 517 31.34 1.34 21.41
CA LEU B 517 30.40 0.91 22.49
C LEU B 517 31.03 1.14 23.88
N ILE B 518 32.19 0.52 24.14
CA ILE B 518 32.88 0.53 25.47
C ILE B 518 34.17 1.35 25.34
N ARG B 519 34.17 2.57 25.86
CA ARG B 519 35.28 3.55 25.70
C ARG B 519 36.14 3.54 26.97
#